data_8KFX
#
_entry.id   8KFX
#
_cell.length_a   1.00
_cell.length_b   1.00
_cell.length_c   1.00
_cell.angle_alpha   90.00
_cell.angle_beta   90.00
_cell.angle_gamma   90.00
#
_symmetry.space_group_name_H-M   'P 1'
#
loop_
_entity.id
_entity.type
_entity.pdbx_description
1 polymer 'Guanine nucleotide-binding protein G(i) subunit alpha-1'
2 polymer 'Guanine nucleotide-binding protein G(I)/G(S)/G(T) subunit beta-1'
3 polymer 'Guanine nucleotide-binding protein G(I)/G(S)/G(O) subunit gamma-2'
4 polymer 'C-C chemokine receptor type 8,Fusion protein'
5 polymer scFv16
6 non-polymer 8-[[3-(2-methoxyphenoxy)phenyl]methyl]-1-(2-phenylethyl)-1,3,8-triazaspiro[4.5]decan-4-one
#
loop_
_entity_poly.entity_id
_entity_poly.type
_entity_poly.pdbx_seq_one_letter_code
_entity_poly.pdbx_strand_id
1 'polypeptide(L)'
;MGCTLSAEDKAAVERSKMIDRNLREDGEKAAREVKLLLLGAGESGKNTIVKQMKIIHEAGYSEEECKQYKAVVYSNTIQS
IIAIIRAMGRLKIDFGDSARADDARQLFVLAGAAEEGFMTAELAGVIKRLWKDSGVQACFNRSREYQLNDSAAYYLNDLD
RIAQPNYIPTQQDVLRTRVKTTGIVETHFTFKDLHFKMFDVGAQRSERKKWIHCFEGVTAIIFCVALSDYDLVLAEDEEM
NRMHESMKLFDSICNNKWFTDTSIILFLNKKDLFEEKIKKSPLTICYPEYAGSNTYEEAAAYIQCQFEDLNKRKDTKEIY
THFTCSTDTKNVQFVFDAVTDVIIKNNLKDCGLF
;
A
2 'polypeptide(L)'
;MSELDQLRQEAEQLKNQIRDARKACADATLSQITNNIDPVGRIQMRTRRTLRGHLAKIYAMHWGTDSRLLVSASQDGKLI
IWDSYTTNKVHAIPLRSSWVMTCAYAPSGNYVACGGLDNICSIYNLKTREGNVRVSRELAGHTGYLSCCRFLDDNQIVTS
SGDTTCALWDIETGQQTTTFTGHTGDVMSLSLAPDTRLFVSGACDASAKLWDVREGMCRQTFTGHESDINAICFFPNGNA
FATGSDDATCRLFDLRADQELMTYSHDNIICGITSVSFSKSGRLLLAGYDDFNCNVWDALKADRAGVLAGHDNRVSCLGV
TDDGMAVATGSWDSFLKIWNGSSGGGGSGGGGSSGVSGWRLFKKIS
;
B
3 'polypeptide(L)' MASNNTASIAQARKLVEQLKMEANIDRIKVSKAAADLMAYCEAHAKEDPLLTPVPASENPFREKKFFCAIL C
4 'polypeptide(L)'
;MKTIIALSYIFCLVFADYKDDDDAGRAMDYTLDLSVTTVTDYYYPDIFSSPCDAELIQTNGKLLLAVFYCLLFVFSLLGN
SLVILVLVVCKKLRSITDVYLLNLALSDLLFVFSFPFQTYYLLDQWVFGTVMCKVVSGFYYIGFYSSMFFITLMSVDRYL
AVVHAVYALKVRTIRMGTTLCLAVWLTAIMATIPLLVFYQVASEDGVLQCYSFYNQQTLKWKIFTNFKMNILGLLIPFTI
FMFCYIKILHQLKRCQNHNKTKAIRLVLIVVIASLLFWVPFNVVLFLTSLHSMHILDGCSISQQLTYATHVTEIISFTHC
CVNPVIYAFVGEKFKKHLSEIFQKSCSQIFNYLGRQMPRESCEKSSSCQQHSSRSSSVDYILGSSGGGGSGGGGSSGVFT
LEDFVGDWEQTAAYNLDQVLEQGGVSSLLQNLAVSVTPIQRIVRSGENALKIDIHVIIPYEGLSADQMAQIEEVFKVVYP
VDDHHFKVILPYGTLVIDGVTPNMLNYFGRPYEGIAVFDGKKITVTGTLWNGNKIIDERLITPDGSMLFRVTINSEFLEV
LFQGPHHHHHHHHHH
;
R
5 'polypeptide(L)'
;MLLVNQSHQGFNKEHTSKMVSAIVLYVLLAAAAHSAFADVQLVESGGGLVQPGGSRKLSCSASGFAFSSFGMHWVRQAPE
KGLEWVAYISSGSGTIYYADTVKGRFTISRDDPKNTLFLQMTSLRSEDTAMYYCVRSIYYYGSSPFDFWGQGTTLTVSSG
GGGSGGGGSGGGGSDIVMTQATSSVPVTPGESVSISCRSSKSLLHSNGNTYLYWFLQRPGQSPQLLIYRMSNLASGVPDR
FSGSGSGTAFTLTISRLEAEDVGVYYCMQHLEYPLTFGAGTKLELKAAAHHHHHHHH
;
S
#
loop_
_chem_comp.id
_chem_comp.type
_chem_comp.name
_chem_comp.formula
OS9 non-polymer 8-[[3-(2-methoxyphenoxy)phenyl]methyl]-1-(2-phenylethyl)-1,3,8-triazaspiro[4.5]decan-4-one 'C29 H33 N3 O3'
#
# COMPACT_ATOMS: atom_id res chain seq x y z
N CYS A 3 9.96 23.65 14.36
CA CYS A 3 10.11 22.48 13.52
C CYS A 3 10.49 21.25 14.35
N THR A 4 11.44 21.45 15.27
CA THR A 4 11.91 20.39 16.17
C THR A 4 12.41 19.18 15.38
N LEU A 5 13.04 19.45 14.24
CA LEU A 5 13.59 18.42 13.37
C LEU A 5 15.03 18.77 13.03
N SER A 6 15.90 17.77 13.05
CA SER A 6 17.29 17.99 12.70
C SER A 6 17.45 18.17 11.18
N ALA A 7 18.66 18.52 10.77
CA ALA A 7 18.94 18.65 9.34
C ALA A 7 18.81 17.30 8.64
N GLU A 8 19.44 16.26 9.19
CA GLU A 8 19.37 14.95 8.55
C GLU A 8 17.99 14.35 8.70
N ASP A 9 17.28 14.68 9.79
CA ASP A 9 15.90 14.23 9.91
C ASP A 9 15.03 14.85 8.82
N LYS A 10 15.22 16.14 8.55
CA LYS A 10 14.48 16.80 7.48
C LYS A 10 14.82 16.19 6.13
N ALA A 11 16.11 15.89 5.90
CA ALA A 11 16.51 15.27 4.64
C ALA A 11 15.92 13.87 4.51
N ALA A 12 15.85 13.12 5.60
CA ALA A 12 15.21 11.81 5.57
C ALA A 12 13.72 11.93 5.25
N VAL A 13 13.08 12.97 5.78
CA VAL A 13 11.67 13.23 5.44
C VAL A 13 11.53 13.50 3.94
N GLU A 14 12.44 14.28 3.38
CA GLU A 14 12.41 14.54 1.95
C GLU A 14 12.60 13.25 1.14
N ARG A 15 13.51 12.39 1.58
CA ARG A 15 13.71 11.11 0.91
C ARG A 15 12.45 10.25 0.99
N SER A 16 11.80 10.24 2.14
CA SER A 16 10.55 9.50 2.28
C SER A 16 9.47 10.07 1.36
N LYS A 17 9.43 11.39 1.19
CA LYS A 17 8.47 11.99 0.29
C LYS A 17 8.75 11.59 -1.16
N MET A 18 10.02 11.53 -1.54
CA MET A 18 10.37 11.06 -2.88
C MET A 18 9.96 9.61 -3.09
N ILE A 19 10.17 8.78 -2.06
CA ILE A 19 9.74 7.38 -2.13
C ILE A 19 8.23 7.30 -2.28
N ASP A 20 7.49 8.14 -1.54
CA ASP A 20 6.05 8.17 -1.66
C ASP A 20 5.62 8.55 -3.07
N ARG A 21 6.28 9.54 -3.67
CA ARG A 21 5.95 9.96 -5.03
C ARG A 21 6.19 8.82 -6.02
N ASN A 22 7.31 8.12 -5.89
CA ASN A 22 7.59 6.99 -6.77
C ASN A 22 6.55 5.90 -6.59
N LEU A 23 6.15 5.62 -5.33
CA LEU A 23 5.14 4.61 -5.08
C LEU A 23 3.81 4.98 -5.72
N ARG A 24 3.43 6.26 -5.62
CA ARG A 24 2.19 6.71 -6.25
C ARG A 24 2.25 6.55 -7.77
N GLU A 25 3.39 6.91 -8.37
CA GLU A 25 3.52 6.78 -9.82
C GLU A 25 3.41 5.32 -10.25
N ASP A 26 4.10 4.42 -9.55
CA ASP A 26 4.04 3.01 -9.88
C ASP A 26 2.65 2.44 -9.63
N GLY A 27 1.94 2.92 -8.61
CA GLY A 27 0.59 2.47 -8.37
C GLY A 27 -0.36 2.90 -9.47
N GLU A 28 -0.23 4.13 -9.96
CA GLU A 28 -1.04 4.56 -11.09
C GLU A 28 -0.74 3.72 -12.32
N LYS A 29 0.55 3.45 -12.58
CA LYS A 29 0.91 2.61 -13.71
C LYS A 29 0.31 1.21 -13.59
N ALA A 30 0.35 0.64 -12.39
CA ALA A 30 -0.21 -0.70 -12.19
C ALA A 30 -1.72 -0.70 -12.34
N ALA A 31 -2.40 0.32 -11.81
CA ALA A 31 -3.84 0.40 -11.94
C ALA A 31 -4.26 0.60 -13.39
N ARG A 32 -3.40 1.21 -14.21
CA ARG A 32 -3.70 1.35 -15.63
C ARG A 32 -3.65 0.01 -16.36
N GLU A 33 -3.15 -1.04 -15.73
CA GLU A 33 -2.98 -2.33 -16.38
C GLU A 33 -4.20 -3.22 -16.19
N VAL A 34 -4.24 -4.30 -16.97
CA VAL A 34 -5.28 -5.32 -16.83
C VAL A 34 -4.64 -6.63 -16.42
N LYS A 35 -5.29 -7.33 -15.50
CA LYS A 35 -4.77 -8.56 -14.92
C LYS A 35 -5.66 -9.73 -15.30
N LEU A 36 -5.04 -10.78 -15.85
CA LEU A 36 -5.75 -12.00 -16.23
C LEU A 36 -5.07 -13.17 -15.54
N LEU A 37 -5.88 -14.01 -14.91
CA LEU A 37 -5.42 -15.25 -14.30
C LEU A 37 -5.77 -16.39 -15.23
N LEU A 38 -4.76 -17.08 -15.74
CA LEU A 38 -4.93 -18.10 -16.76
C LEU A 38 -4.90 -19.48 -16.11
N LEU A 39 -6.00 -20.21 -16.21
CA LEU A 39 -6.14 -21.52 -15.60
C LEU A 39 -6.54 -22.53 -16.67
N GLY A 40 -6.20 -23.79 -16.42
CA GLY A 40 -6.51 -24.85 -17.36
C GLY A 40 -6.33 -26.20 -16.72
N ALA A 41 -7.11 -27.17 -17.20
CA ALA A 41 -7.10 -28.53 -16.66
C ALA A 41 -5.97 -29.33 -17.33
N GLY A 42 -4.75 -29.00 -16.91
CA GLY A 42 -3.58 -29.66 -17.47
C GLY A 42 -3.38 -29.38 -18.93
N GLU A 43 -3.37 -30.42 -19.75
CA GLU A 43 -3.22 -30.29 -21.20
C GLU A 43 -4.55 -29.81 -21.77
N SER A 44 -4.77 -28.50 -21.69
CA SER A 44 -6.02 -27.88 -22.14
C SER A 44 -5.76 -26.83 -23.22
N GLY A 45 -4.66 -26.94 -23.96
CA GLY A 45 -4.33 -25.95 -24.96
C GLY A 45 -3.92 -24.61 -24.40
N LYS A 46 -3.60 -24.54 -23.11
CA LYS A 46 -3.22 -23.28 -22.49
C LYS A 46 -1.93 -22.74 -23.08
N ASN A 47 -0.95 -23.63 -23.31
CA ASN A 47 0.31 -23.20 -23.88
C ASN A 47 0.15 -22.64 -25.28
N THR A 48 -0.77 -23.21 -26.07
CA THR A 48 -1.00 -22.70 -27.42
C THR A 48 -1.48 -21.26 -27.39
N ILE A 49 -2.46 -20.96 -26.52
CA ILE A 49 -2.93 -19.59 -26.44
C ILE A 49 -1.86 -18.68 -25.83
N VAL A 50 -1.07 -19.17 -24.88
CA VAL A 50 0.04 -18.36 -24.35
C VAL A 50 0.98 -17.97 -25.49
N LYS A 51 1.25 -18.92 -26.39
CA LYS A 51 2.10 -18.61 -27.55
C LYS A 51 1.44 -17.59 -28.46
N GLN A 52 0.13 -17.70 -28.69
CA GLN A 52 -0.49 -16.83 -29.68
C GLN A 52 -0.61 -15.39 -29.20
N MET A 53 -0.77 -15.15 -27.89
CA MET A 53 -0.76 -13.78 -27.41
C MET A 53 0.62 -13.15 -27.42
N LYS A 54 1.67 -13.94 -27.58
CA LYS A 54 3.03 -13.40 -27.59
C LYS A 54 3.90 -14.13 -28.62
N THR A 182 9.83 -24.16 -12.01
CA THR A 182 9.41 -22.82 -11.64
C THR A 182 7.97 -22.83 -11.13
N GLY A 183 7.49 -21.66 -10.73
CA GLY A 183 6.14 -21.54 -10.21
C GLY A 183 5.21 -20.75 -11.09
N ILE A 184 4.98 -19.49 -10.75
CA ILE A 184 4.04 -18.64 -11.45
C ILE A 184 4.72 -18.01 -12.64
N VAL A 185 4.13 -18.16 -13.81
CA VAL A 185 4.69 -17.66 -15.06
C VAL A 185 4.00 -16.34 -15.39
N GLU A 186 4.79 -15.35 -15.80
CA GLU A 186 4.31 -14.00 -16.06
C GLU A 186 4.39 -13.74 -17.56
N THR A 187 3.34 -13.12 -18.12
CA THR A 187 3.36 -12.73 -19.52
C THR A 187 2.81 -11.32 -19.66
N HIS A 188 3.57 -10.44 -20.31
CA HIS A 188 3.13 -9.08 -20.58
C HIS A 188 2.99 -8.89 -22.08
N PHE A 189 1.85 -8.35 -22.51
CA PHE A 189 1.72 -7.93 -23.90
C PHE A 189 0.85 -6.68 -23.94
N THR A 190 0.87 -6.00 -25.07
CA THR A 190 0.13 -4.77 -25.27
C THR A 190 -0.70 -4.88 -26.53
N PHE A 191 -2.00 -4.65 -26.41
CA PHE A 191 -2.92 -4.72 -27.53
C PHE A 191 -3.85 -3.52 -27.49
N LYS A 192 -3.85 -2.74 -28.57
CA LYS A 192 -4.72 -1.58 -28.71
C LYS A 192 -4.63 -0.66 -27.49
N ASP A 193 -3.40 -0.30 -27.13
CA ASP A 193 -3.10 0.59 -26.02
C ASP A 193 -3.55 0.03 -24.67
N LEU A 194 -3.71 -1.28 -24.56
CA LEU A 194 -4.07 -1.93 -23.30
C LEU A 194 -2.97 -2.89 -22.92
N HIS A 195 -2.47 -2.76 -21.69
CA HIS A 195 -1.34 -3.54 -21.21
C HIS A 195 -1.85 -4.67 -20.32
N PHE A 196 -1.72 -5.91 -20.81
CA PHE A 196 -2.19 -7.08 -20.11
C PHE A 196 -1.08 -7.72 -19.29
N LYS A 197 -1.51 -8.48 -18.28
CA LYS A 197 -0.60 -9.22 -17.41
C LYS A 197 -1.26 -10.58 -17.17
N MET A 198 -0.78 -11.60 -17.88
CA MET A 198 -1.31 -12.96 -17.74
C MET A 198 -0.46 -13.74 -16.76
N PHE A 199 -1.10 -14.30 -15.74
CA PHE A 199 -0.43 -15.09 -14.72
C PHE A 199 -0.84 -16.55 -14.89
N ASP A 200 0.14 -17.42 -15.12
CA ASP A 200 -0.10 -18.84 -15.24
C ASP A 200 0.35 -19.52 -13.95
N VAL A 201 -0.56 -20.27 -13.35
CA VAL A 201 -0.32 -20.97 -12.09
C VAL A 201 -0.47 -22.48 -12.25
N GLY A 202 -0.31 -22.99 -13.48
CA GLY A 202 -0.49 -24.41 -13.70
C GLY A 202 0.61 -25.26 -13.11
N ALA A 203 1.78 -24.68 -12.88
CA ALA A 203 2.90 -25.40 -12.32
C ALA A 203 3.01 -25.36 -10.82
N GLN A 204 2.01 -24.84 -10.11
CA GLN A 204 2.12 -24.72 -8.66
C GLN A 204 2.10 -26.09 -7.99
N ARG A 205 1.13 -26.93 -8.35
CA ARG A 205 1.01 -28.29 -7.83
C ARG A 205 1.00 -28.30 -6.29
N SER A 206 0.24 -27.37 -5.73
CA SER A 206 0.10 -27.26 -4.28
C SER A 206 -1.38 -27.02 -3.98
N GLU A 207 -1.67 -26.79 -2.70
CA GLU A 207 -3.04 -26.53 -2.27
C GLU A 207 -3.49 -25.20 -2.84
N ARG A 208 -4.43 -25.23 -3.78
CA ARG A 208 -4.87 -24.01 -4.45
C ARG A 208 -5.55 -23.05 -3.50
N LYS A 209 -6.13 -23.57 -2.41
CA LYS A 209 -6.90 -22.74 -1.50
C LYS A 209 -6.02 -21.85 -0.62
N LYS A 210 -4.71 -22.03 -0.64
CA LYS A 210 -3.81 -21.21 0.17
C LYS A 210 -3.18 -20.08 -0.63
N TRP A 211 -3.38 -20.03 -1.95
CA TRP A 211 -2.83 -18.95 -2.74
C TRP A 211 -3.80 -18.44 -3.80
N ILE A 212 -5.03 -18.96 -3.86
CA ILE A 212 -6.00 -18.44 -4.80
C ILE A 212 -6.56 -17.09 -4.37
N HIS A 213 -6.40 -16.72 -3.10
CA HIS A 213 -6.88 -15.42 -2.66
C HIS A 213 -5.94 -14.29 -3.04
N CYS A 214 -4.71 -14.60 -3.44
CA CYS A 214 -3.80 -13.57 -3.91
C CYS A 214 -4.27 -12.96 -5.23
N PHE A 215 -5.06 -13.69 -6.00
CA PHE A 215 -5.56 -13.22 -7.29
C PHE A 215 -6.95 -12.62 -7.19
N GLU A 216 -7.45 -12.38 -5.98
CA GLU A 216 -8.71 -11.66 -5.84
C GLU A 216 -8.52 -10.24 -6.31
N GLY A 217 -9.40 -9.78 -7.19
CA GLY A 217 -9.30 -8.46 -7.78
C GLY A 217 -8.71 -8.44 -9.17
N VAL A 218 -8.33 -9.59 -9.73
CA VAL A 218 -7.87 -9.61 -11.11
C VAL A 218 -9.01 -9.19 -12.01
N THR A 219 -8.65 -8.62 -13.17
CA THR A 219 -9.68 -8.17 -14.10
C THR A 219 -10.47 -9.35 -14.66
N ALA A 220 -9.79 -10.42 -15.07
CA ALA A 220 -10.51 -11.54 -15.66
C ALA A 220 -9.75 -12.83 -15.44
N ILE A 221 -10.47 -13.94 -15.63
CA ILE A 221 -9.90 -15.28 -15.49
C ILE A 221 -10.09 -15.99 -16.83
N ILE A 222 -8.99 -16.32 -17.49
CA ILE A 222 -9.02 -17.03 -18.75
C ILE A 222 -8.95 -18.53 -18.45
N PHE A 223 -10.07 -19.23 -18.64
CA PHE A 223 -10.17 -20.65 -18.36
C PHE A 223 -10.11 -21.41 -19.68
N CYS A 224 -9.11 -22.26 -19.85
CA CYS A 224 -8.93 -23.04 -21.05
C CYS A 224 -9.43 -24.47 -20.83
N VAL A 225 -10.25 -24.95 -21.76
CA VAL A 225 -10.80 -26.30 -21.70
C VAL A 225 -10.59 -26.96 -23.04
N ALA A 226 -10.03 -28.17 -23.04
CA ALA A 226 -9.82 -28.91 -24.27
C ALA A 226 -11.07 -29.73 -24.60
N LEU A 227 -11.65 -29.48 -25.77
CA LEU A 227 -12.82 -30.23 -26.20
C LEU A 227 -12.50 -31.65 -26.61
N SER A 228 -11.23 -31.99 -26.77
CA SER A 228 -10.82 -33.34 -27.14
C SER A 228 -10.73 -34.28 -25.96
N ASP A 229 -10.98 -33.79 -24.75
CA ASP A 229 -10.90 -34.60 -23.54
C ASP A 229 -12.21 -35.32 -23.21
N TYR A 230 -13.23 -35.18 -24.04
CA TYR A 230 -14.47 -35.91 -23.79
C TYR A 230 -14.26 -37.41 -23.94
N ASP A 231 -13.30 -37.81 -24.78
CA ASP A 231 -12.97 -39.21 -24.95
C ASP A 231 -11.87 -39.68 -24.01
N LEU A 232 -10.78 -38.92 -23.92
CA LEU A 232 -9.64 -39.33 -23.12
C LEU A 232 -9.97 -39.31 -21.63
N VAL A 233 -9.50 -40.34 -20.94
CA VAL A 233 -9.66 -40.44 -19.50
C VAL A 233 -8.32 -40.14 -18.84
N LEU A 234 -8.38 -39.68 -17.60
CA LEU A 234 -7.16 -39.32 -16.87
C LEU A 234 -6.28 -40.55 -16.66
N ALA A 235 -4.96 -40.30 -16.65
CA ALA A 235 -4.02 -41.39 -16.40
C ALA A 235 -4.23 -41.98 -15.01
N GLU A 236 -4.50 -41.13 -14.03
CA GLU A 236 -4.81 -41.58 -12.66
C GLU A 236 -6.24 -42.10 -12.65
N ASP A 237 -6.38 -43.41 -12.86
CA ASP A 237 -7.64 -44.13 -12.82
C ASP A 237 -8.54 -43.78 -14.01
N GLU A 238 -9.29 -44.76 -14.51
CA GLU A 238 -10.20 -44.56 -15.62
C GLU A 238 -11.62 -44.23 -15.16
N GLU A 239 -11.90 -44.29 -13.86
CA GLU A 239 -13.24 -44.07 -13.36
C GLU A 239 -13.66 -42.62 -13.44
N MET A 240 -12.73 -41.70 -13.70
CA MET A 240 -12.95 -40.28 -13.47
C MET A 240 -12.39 -39.52 -14.68
N ASN A 241 -13.28 -38.89 -15.44
CA ASN A 241 -13.01 -38.42 -16.80
C ASN A 241 -12.30 -37.06 -16.81
N ARG A 242 -11.67 -36.76 -17.96
CA ARG A 242 -10.88 -35.55 -18.07
C ARG A 242 -11.75 -34.29 -18.20
N MET A 243 -12.79 -34.36 -19.04
CA MET A 243 -13.71 -33.23 -19.12
C MET A 243 -14.45 -33.06 -17.80
N HIS A 244 -14.66 -34.14 -17.07
CA HIS A 244 -15.18 -34.02 -15.72
C HIS A 244 -14.19 -33.31 -14.80
N GLU A 245 -12.90 -33.53 -15.00
CA GLU A 245 -11.89 -32.76 -14.28
C GLU A 245 -11.99 -31.28 -14.61
N SER A 246 -12.16 -30.96 -15.89
CA SER A 246 -12.33 -29.57 -16.30
C SER A 246 -13.56 -28.96 -15.66
N MET A 247 -14.67 -29.69 -15.65
CA MET A 247 -15.91 -29.19 -15.05
C MET A 247 -15.74 -28.98 -13.56
N LYS A 248 -15.06 -29.89 -12.86
CA LYS A 248 -14.85 -29.73 -11.43
C LYS A 248 -13.98 -28.52 -11.15
N LEU A 249 -12.92 -28.33 -11.93
CA LEU A 249 -12.07 -27.16 -11.76
C LEU A 249 -12.85 -25.88 -12.03
N PHE A 250 -13.71 -25.89 -13.05
CA PHE A 250 -14.53 -24.73 -13.35
C PHE A 250 -15.50 -24.44 -12.22
N ASP A 251 -16.10 -25.48 -11.64
CA ASP A 251 -16.99 -25.30 -10.51
C ASP A 251 -16.26 -24.71 -9.32
N SER A 252 -15.03 -25.17 -9.07
CA SER A 252 -14.25 -24.65 -7.96
C SER A 252 -13.89 -23.19 -8.17
N ILE A 253 -13.51 -22.82 -9.39
CA ILE A 253 -13.02 -21.46 -9.63
C ILE A 253 -14.17 -20.46 -9.78
N CYS A 254 -15.20 -20.79 -10.55
CA CYS A 254 -16.33 -19.88 -10.75
C CYS A 254 -17.09 -19.62 -9.45
N ASN A 255 -17.29 -20.65 -8.63
CA ASN A 255 -18.05 -20.54 -7.39
C ASN A 255 -17.17 -20.21 -6.20
N ASN A 256 -15.89 -19.92 -6.43
CA ASN A 256 -14.99 -19.55 -5.34
C ASN A 256 -15.46 -18.25 -4.70
N LYS A 257 -15.34 -18.17 -3.37
CA LYS A 257 -15.76 -16.97 -2.67
C LYS A 257 -14.94 -15.76 -3.05
N TRP A 258 -13.68 -15.96 -3.46
CA TRP A 258 -12.83 -14.86 -3.87
C TRP A 258 -13.17 -14.32 -5.25
N PHE A 259 -13.73 -15.14 -6.12
CA PHE A 259 -14.12 -14.74 -7.47
C PHE A 259 -15.64 -14.77 -7.53
N THR A 260 -16.27 -13.68 -7.11
CA THR A 260 -17.71 -13.52 -7.18
C THR A 260 -18.15 -12.59 -8.30
N ASP A 261 -17.50 -11.44 -8.43
CA ASP A 261 -17.76 -10.51 -9.53
C ASP A 261 -16.67 -10.56 -10.60
N THR A 262 -15.81 -11.58 -10.56
CA THR A 262 -14.71 -11.68 -11.50
C THR A 262 -15.16 -12.45 -12.74
N SER A 263 -15.03 -11.81 -13.90
CA SER A 263 -15.49 -12.41 -15.15
C SER A 263 -14.57 -13.53 -15.59
N ILE A 264 -15.15 -14.50 -16.30
CA ILE A 264 -14.42 -15.65 -16.82
C ILE A 264 -14.52 -15.62 -18.34
N ILE A 265 -13.36 -15.63 -18.99
CA ILE A 265 -13.26 -15.78 -20.43
C ILE A 265 -12.97 -17.25 -20.70
N LEU A 266 -13.92 -17.95 -21.29
CA LEU A 266 -13.85 -19.39 -21.47
C LEU A 266 -13.36 -19.71 -22.87
N PHE A 267 -12.13 -20.20 -22.98
CA PHE A 267 -11.60 -20.69 -24.23
C PHE A 267 -11.85 -22.19 -24.33
N LEU A 268 -12.40 -22.62 -25.47
CA LEU A 268 -12.66 -24.02 -25.75
C LEU A 268 -11.74 -24.41 -26.91
N ASN A 269 -10.58 -24.95 -26.57
CA ASN A 269 -9.52 -25.20 -27.54
C ASN A 269 -9.71 -26.54 -28.24
N LYS A 270 -8.78 -26.85 -29.14
CA LYS A 270 -8.73 -28.12 -29.84
C LYS A 270 -10.05 -28.42 -30.55
N LYS A 271 -10.59 -27.41 -31.23
CA LYS A 271 -11.87 -27.58 -31.90
C LYS A 271 -11.75 -28.42 -33.16
N ASP A 272 -10.59 -28.39 -33.82
CA ASP A 272 -10.40 -29.20 -35.03
C ASP A 272 -10.36 -30.69 -34.68
N LEU A 273 -9.60 -31.04 -33.64
CA LEU A 273 -9.54 -32.43 -33.20
C LEU A 273 -10.90 -32.88 -32.69
N PHE A 274 -11.63 -32.00 -32.00
CA PHE A 274 -12.96 -32.33 -31.54
C PHE A 274 -13.89 -32.60 -32.70
N GLU A 275 -13.85 -31.75 -33.74
CA GLU A 275 -14.72 -31.93 -34.90
C GLU A 275 -14.38 -33.22 -35.63
N GLU A 276 -13.09 -33.54 -35.74
CA GLU A 276 -12.69 -34.78 -36.41
C GLU A 276 -13.12 -36.01 -35.61
N LYS A 277 -12.98 -35.96 -34.28
CA LYS A 277 -13.15 -37.13 -33.44
C LYS A 277 -14.61 -37.48 -33.15
N ILE A 278 -15.53 -36.51 -33.22
CA ILE A 278 -16.92 -36.79 -32.90
C ILE A 278 -17.54 -37.79 -33.88
N LYS A 279 -16.98 -37.88 -35.09
CA LYS A 279 -17.51 -38.83 -36.06
C LYS A 279 -17.33 -40.26 -35.59
N LYS A 280 -16.17 -40.58 -35.02
CA LYS A 280 -15.88 -41.94 -34.61
C LYS A 280 -16.58 -42.28 -33.29
N SER A 281 -16.25 -41.55 -32.23
CA SER A 281 -16.86 -41.78 -30.93
C SER A 281 -17.90 -40.71 -30.65
N PRO A 282 -19.09 -41.06 -30.17
CA PRO A 282 -20.13 -40.05 -29.95
C PRO A 282 -19.93 -39.34 -28.63
N LEU A 283 -20.66 -38.23 -28.47
CA LEU A 283 -20.58 -37.45 -27.25
C LEU A 283 -21.24 -38.14 -26.05
N THR A 284 -21.96 -39.23 -26.29
CA THR A 284 -22.71 -39.88 -25.22
C THR A 284 -21.79 -40.41 -24.12
N ILE A 285 -20.54 -40.73 -24.46
CA ILE A 285 -19.63 -41.26 -23.44
C ILE A 285 -19.37 -40.21 -22.35
N CYS A 286 -19.13 -38.96 -22.76
CA CYS A 286 -18.89 -37.91 -21.78
C CYS A 286 -20.18 -37.50 -21.08
N TYR A 287 -21.28 -37.44 -21.82
CA TYR A 287 -22.58 -37.05 -21.27
C TYR A 287 -23.59 -38.14 -21.59
N PRO A 288 -23.81 -39.09 -20.67
CA PRO A 288 -24.83 -40.11 -20.91
C PRO A 288 -26.22 -39.54 -21.10
N GLU A 289 -26.56 -38.47 -20.38
CA GLU A 289 -27.87 -37.85 -20.51
C GLU A 289 -28.02 -37.07 -21.81
N TYR A 290 -26.94 -36.89 -22.57
CA TYR A 290 -27.01 -36.14 -23.82
C TYR A 290 -27.91 -36.85 -24.82
N ALA A 291 -28.82 -36.10 -25.43
CA ALA A 291 -29.73 -36.62 -26.45
C ALA A 291 -29.81 -35.58 -27.56
N GLY A 292 -28.97 -35.73 -28.57
CA GLY A 292 -28.96 -34.79 -29.66
C GLY A 292 -28.14 -35.34 -30.82
N SER A 293 -28.11 -34.56 -31.90
CA SER A 293 -27.34 -34.93 -33.07
C SER A 293 -25.85 -34.90 -32.75
N ASN A 294 -25.10 -35.78 -33.42
CA ASN A 294 -23.66 -35.86 -33.22
C ASN A 294 -22.87 -34.90 -34.11
N THR A 295 -23.52 -33.86 -34.64
CA THR A 295 -22.82 -32.88 -35.44
C THR A 295 -21.91 -32.03 -34.57
N TYR A 296 -20.92 -31.39 -35.22
CA TYR A 296 -19.94 -30.59 -34.49
C TYR A 296 -20.61 -29.40 -33.80
N GLU A 297 -21.45 -28.67 -34.51
CA GLU A 297 -22.02 -27.44 -33.96
C GLU A 297 -22.87 -27.72 -32.73
N GLU A 298 -23.75 -28.72 -32.82
CA GLU A 298 -24.68 -28.97 -31.74
C GLU A 298 -23.97 -29.51 -30.51
N ALA A 299 -22.99 -30.40 -30.71
CA ALA A 299 -22.21 -30.91 -29.58
C ALA A 299 -21.39 -29.80 -28.93
N ALA A 300 -20.79 -28.92 -29.73
CA ALA A 300 -20.05 -27.80 -29.17
C ALA A 300 -20.95 -26.89 -28.36
N ALA A 301 -22.15 -26.61 -28.87
CA ALA A 301 -23.10 -25.80 -28.12
C ALA A 301 -23.51 -26.49 -26.83
N TYR A 302 -23.68 -27.81 -26.87
CA TYR A 302 -24.05 -28.54 -25.66
C TYR A 302 -22.95 -28.46 -24.60
N ILE A 303 -21.70 -28.61 -25.03
CA ILE A 303 -20.59 -28.53 -24.08
C ILE A 303 -20.49 -27.13 -23.49
N GLN A 304 -20.65 -26.11 -24.34
CA GLN A 304 -20.63 -24.74 -23.84
C GLN A 304 -21.75 -24.49 -22.83
N CYS A 305 -22.96 -24.97 -23.14
CA CYS A 305 -24.07 -24.81 -22.21
C CYS A 305 -23.80 -25.53 -20.90
N GLN A 306 -23.25 -26.75 -20.97
CA GLN A 306 -22.92 -27.48 -19.75
C GLN A 306 -21.92 -26.70 -18.91
N PHE A 307 -20.97 -26.02 -19.54
CA PHE A 307 -20.01 -25.23 -18.77
C PHE A 307 -20.63 -23.97 -18.18
N GLU A 308 -21.55 -23.34 -18.90
CA GLU A 308 -22.16 -22.12 -18.34
C GLU A 308 -23.27 -22.39 -17.33
N ASP A 309 -23.82 -23.59 -17.27
CA ASP A 309 -24.75 -23.93 -16.20
C ASP A 309 -24.06 -24.32 -14.90
N LEU A 310 -22.73 -24.34 -14.88
CA LEU A 310 -21.99 -24.50 -13.64
C LEU A 310 -21.87 -23.20 -12.86
N ASN A 311 -22.32 -22.09 -13.43
CA ASN A 311 -22.19 -20.77 -12.81
C ASN A 311 -23.38 -20.56 -11.88
N LYS A 312 -23.13 -20.64 -10.58
CA LYS A 312 -24.21 -20.49 -9.61
C LYS A 312 -24.79 -19.08 -9.63
N ARG A 313 -23.94 -18.06 -9.74
CA ARG A 313 -24.37 -16.66 -9.75
C ARG A 313 -24.28 -16.15 -11.18
N LYS A 314 -25.40 -16.12 -11.87
CA LYS A 314 -25.46 -15.64 -13.25
C LYS A 314 -25.73 -14.14 -13.34
N ASP A 315 -25.78 -13.43 -12.22
CA ASP A 315 -26.04 -12.01 -12.21
C ASP A 315 -24.82 -11.17 -11.84
N THR A 316 -24.02 -11.63 -10.88
CA THR A 316 -22.82 -10.88 -10.50
C THR A 316 -21.71 -11.03 -11.53
N LYS A 317 -21.61 -12.20 -12.15
CA LYS A 317 -20.52 -12.51 -13.07
C LYS A 317 -21.08 -12.97 -14.40
N GLU A 318 -20.27 -12.83 -15.44
CA GLU A 318 -20.66 -13.20 -16.79
C GLU A 318 -19.53 -13.97 -17.46
N ILE A 319 -19.91 -14.92 -18.31
CA ILE A 319 -18.99 -15.90 -18.87
C ILE A 319 -18.92 -15.69 -20.38
N TYR A 320 -17.71 -15.50 -20.91
CA TYR A 320 -17.49 -15.33 -22.33
C TYR A 320 -16.89 -16.62 -22.88
N THR A 321 -17.53 -17.17 -23.91
CA THR A 321 -17.09 -18.43 -24.51
C THR A 321 -16.63 -18.19 -25.95
N HIS A 322 -15.42 -18.61 -26.26
CA HIS A 322 -14.87 -18.51 -27.60
C HIS A 322 -14.25 -19.84 -27.97
N PHE A 323 -14.45 -20.26 -29.22
CA PHE A 323 -13.88 -21.50 -29.73
C PHE A 323 -12.61 -21.21 -30.51
N THR A 324 -11.56 -21.95 -30.20
CA THR A 324 -10.24 -21.70 -30.77
C THR A 324 -9.70 -22.98 -31.40
N CYS A 325 -8.60 -22.84 -32.12
CA CYS A 325 -7.89 -23.97 -32.71
C CYS A 325 -6.42 -23.61 -32.76
N SER A 326 -5.63 -24.38 -33.53
CA SER A 326 -4.22 -24.08 -33.66
C SER A 326 -3.95 -22.90 -34.58
N THR A 327 -4.79 -22.73 -35.61
CA THR A 327 -4.57 -21.71 -36.62
C THR A 327 -5.38 -20.44 -36.39
N ASP A 328 -6.11 -20.35 -35.28
CA ASP A 328 -6.90 -19.16 -35.00
C ASP A 328 -6.00 -17.95 -34.78
N THR A 329 -6.48 -16.78 -35.22
CA THR A 329 -5.71 -15.55 -35.14
C THR A 329 -6.51 -14.38 -34.59
N LYS A 330 -7.70 -14.64 -34.03
CA LYS A 330 -8.53 -13.59 -33.47
C LYS A 330 -8.75 -13.77 -31.97
N ASN A 331 -7.95 -14.61 -31.31
CA ASN A 331 -8.12 -14.83 -29.88
C ASN A 331 -7.80 -13.58 -29.08
N VAL A 332 -6.74 -12.87 -29.46
CA VAL A 332 -6.38 -11.65 -28.75
C VAL A 332 -7.48 -10.61 -28.88
N GLN A 333 -8.12 -10.55 -30.06
CA GLN A 333 -9.23 -9.63 -30.23
C GLN A 333 -10.40 -9.99 -29.32
N PHE A 334 -10.72 -11.28 -29.20
CA PHE A 334 -11.80 -11.70 -28.32
C PHE A 334 -11.49 -11.34 -26.88
N VAL A 335 -10.24 -11.58 -26.45
CA VAL A 335 -9.86 -11.22 -25.09
C VAL A 335 -9.98 -9.71 -24.90
N PHE A 336 -9.55 -8.92 -25.89
CA PHE A 336 -9.64 -7.48 -25.78
C PHE A 336 -11.09 -7.02 -25.63
N ASP A 337 -12.00 -7.59 -26.44
CA ASP A 337 -13.41 -7.22 -26.31
C ASP A 337 -13.95 -7.59 -24.95
N ALA A 338 -13.60 -8.78 -24.45
CA ALA A 338 -14.09 -9.20 -23.14
C ALA A 338 -13.59 -8.28 -22.04
N VAL A 339 -12.29 -7.94 -22.05
CA VAL A 339 -11.76 -7.05 -21.03
C VAL A 339 -12.34 -5.64 -21.17
N THR A 340 -12.57 -5.17 -22.39
CA THR A 340 -13.20 -3.86 -22.54
C THR A 340 -14.59 -3.85 -21.94
N ASP A 341 -15.36 -4.93 -22.15
CA ASP A 341 -16.68 -5.03 -21.55
C ASP A 341 -16.58 -5.07 -20.02
N VAL A 342 -15.60 -5.81 -19.50
CA VAL A 342 -15.41 -5.88 -18.05
C VAL A 342 -15.06 -4.52 -17.48
N ILE A 343 -14.19 -3.77 -18.16
CA ILE A 343 -13.83 -2.44 -17.72
C ILE A 343 -15.05 -1.53 -17.73
N ILE A 344 -15.88 -1.63 -18.77
CA ILE A 344 -17.09 -0.83 -18.85
C ILE A 344 -17.99 -1.13 -17.65
N LYS A 345 -18.16 -2.42 -17.33
CA LYS A 345 -18.98 -2.77 -16.18
C LYS A 345 -18.39 -2.24 -14.88
N ASN A 346 -17.06 -2.37 -14.72
CA ASN A 346 -16.42 -1.95 -13.48
C ASN A 346 -16.56 -0.45 -13.27
N ASN A 347 -16.35 0.34 -14.32
CA ASN A 347 -16.46 1.79 -14.18
C ASN A 347 -17.90 2.28 -14.31
N LEU A 348 -18.84 1.40 -14.68
CA LEU A 348 -20.24 1.70 -14.47
C LEU A 348 -20.60 1.57 -13.00
N LYS A 349 -20.07 0.53 -12.35
CA LYS A 349 -20.23 0.41 -10.91
C LYS A 349 -19.56 1.57 -10.18
N ASP A 350 -18.38 1.98 -10.65
CA ASP A 350 -17.65 3.07 -10.03
C ASP A 350 -18.29 4.43 -10.28
N CYS A 351 -19.00 4.61 -11.39
CA CYS A 351 -19.61 5.88 -11.72
C CYS A 351 -21.02 6.02 -11.16
N GLY A 352 -21.50 5.02 -10.42
CA GLY A 352 -22.82 5.12 -9.82
C GLY A 352 -23.97 4.64 -10.69
N LEU A 353 -23.70 3.79 -11.67
CA LEU A 353 -24.72 3.24 -12.55
C LEU A 353 -24.67 1.72 -12.57
N PHE A 354 -24.59 1.12 -11.40
CA PHE A 354 -24.51 -0.34 -11.28
C PHE A 354 -25.75 -1.02 -11.87
N GLU B 3 5.77 -56.93 5.05
CA GLU B 3 4.41 -56.76 4.53
C GLU B 3 3.88 -55.37 4.85
N LEU B 4 3.09 -54.81 3.91
CA LEU B 4 2.54 -53.47 4.13
C LEU B 4 1.58 -53.46 5.31
N ASP B 5 0.76 -54.50 5.45
CA ASP B 5 -0.14 -54.57 6.59
C ASP B 5 0.62 -54.63 7.90
N GLN B 6 1.71 -55.40 7.94
CA GLN B 6 2.52 -55.46 9.16
C GLN B 6 3.13 -54.11 9.49
N LEU B 7 3.62 -53.39 8.48
CA LEU B 7 4.19 -52.07 8.71
C LEU B 7 3.14 -51.10 9.22
N ARG B 8 1.94 -51.12 8.64
CA ARG B 8 0.87 -50.25 9.11
C ARG B 8 0.48 -50.59 10.54
N GLN B 9 0.42 -51.89 10.86
CA GLN B 9 0.10 -52.29 12.23
C GLN B 9 1.16 -51.82 13.21
N GLU B 10 2.44 -51.92 12.83
CA GLU B 10 3.51 -51.43 13.70
C GLU B 10 3.41 -49.93 13.89
N ALA B 11 3.11 -49.19 12.83
CA ALA B 11 2.95 -47.74 12.95
C ALA B 11 1.78 -47.40 13.87
N GLU B 12 0.66 -48.12 13.74
CA GLU B 12 -0.48 -47.89 14.61
C GLU B 12 -0.14 -48.20 16.07
N GLN B 13 0.62 -49.28 16.29
CA GLN B 13 1.03 -49.62 17.65
C GLN B 13 1.93 -48.54 18.24
N LEU B 14 2.86 -48.02 17.44
CA LEU B 14 3.73 -46.95 17.91
C LEU B 14 2.92 -45.69 18.24
N LYS B 15 1.93 -45.36 17.40
CA LYS B 15 1.08 -44.22 17.70
C LYS B 15 0.30 -44.43 18.99
N ASN B 16 -0.21 -45.64 19.20
CA ASN B 16 -0.92 -45.95 20.44
C ASN B 16 0.00 -45.81 21.64
N GLN B 17 1.24 -46.28 21.52
CA GLN B 17 2.20 -46.16 22.62
C GLN B 17 2.52 -44.70 22.92
N ILE B 18 2.69 -43.89 21.87
CA ILE B 18 2.96 -42.47 22.07
C ILE B 18 1.79 -41.79 22.76
N ARG B 19 0.57 -42.10 22.34
CA ARG B 19 -0.60 -41.51 22.97
C ARG B 19 -0.71 -41.95 24.43
N ASP B 20 -0.41 -43.21 24.71
CA ASP B 20 -0.47 -43.69 26.09
C ASP B 20 0.56 -42.99 26.96
N ALA B 21 1.78 -42.80 26.44
CA ALA B 21 2.80 -42.09 27.20
C ALA B 21 2.39 -40.64 27.45
N ARG B 22 1.82 -39.97 26.44
CA ARG B 22 1.38 -38.59 26.61
C ARG B 22 0.27 -38.51 27.65
N LYS B 23 -0.66 -39.45 27.64
CA LYS B 23 -1.72 -39.47 28.64
C LYS B 23 -1.15 -39.71 30.03
N ALA B 24 -0.15 -40.60 30.13
CA ALA B 24 0.46 -40.88 31.42
C ALA B 24 1.16 -39.65 31.99
N CYS B 25 1.81 -38.86 31.14
CA CYS B 25 2.49 -37.67 31.60
C CYS B 25 1.53 -36.53 31.96
N ALA B 26 0.25 -36.67 31.65
CA ALA B 26 -0.73 -35.59 31.88
C ALA B 26 -1.38 -35.75 33.25
N ASP B 27 -0.59 -35.48 34.28
CA ASP B 27 -1.11 -35.58 35.65
C ASP B 27 -2.07 -34.45 35.98
N ALA B 28 -1.86 -33.26 35.40
CA ALA B 28 -2.74 -32.13 35.62
C ALA B 28 -2.80 -31.34 34.31
N THR B 29 -3.34 -30.12 34.37
CA THR B 29 -3.45 -29.29 33.19
C THR B 29 -3.06 -27.85 33.53
N LEU B 30 -2.69 -27.11 32.50
CA LEU B 30 -2.26 -25.72 32.70
C LEU B 30 -3.40 -24.85 33.22
N SER B 31 -4.65 -25.30 33.07
CA SER B 31 -5.78 -24.51 33.54
C SER B 31 -5.86 -24.48 35.06
N GLN B 32 -5.74 -25.65 35.70
CA GLN B 32 -5.87 -25.69 37.16
C GLN B 32 -4.62 -25.14 37.84
N ILE B 33 -3.45 -25.33 37.22
CA ILE B 33 -2.21 -24.87 37.83
C ILE B 33 -2.18 -23.35 37.90
N THR B 34 -2.76 -22.67 36.90
CA THR B 34 -2.82 -21.21 36.87
C THR B 34 -4.18 -20.68 37.28
N ASN B 35 -4.95 -21.48 38.02
CA ASN B 35 -6.30 -21.07 38.39
C ASN B 35 -6.28 -19.93 39.42
N ASN B 36 -5.27 -19.91 40.28
CA ASN B 36 -5.18 -18.91 41.34
C ASN B 36 -4.39 -17.68 40.94
N ILE B 37 -3.84 -17.64 39.72
CA ILE B 37 -3.06 -16.50 39.28
C ILE B 37 -3.98 -15.34 38.94
N ASP B 38 -3.56 -14.13 39.28
CA ASP B 38 -4.37 -12.95 39.07
C ASP B 38 -4.60 -12.74 37.57
N PRO B 39 -5.83 -12.43 37.14
CA PRO B 39 -6.06 -12.14 35.72
C PRO B 39 -5.31 -10.89 35.28
N VAL B 40 -4.95 -10.87 33.99
CA VAL B 40 -4.15 -9.76 33.48
C VAL B 40 -4.94 -8.47 33.52
N GLY B 41 -6.22 -8.52 33.16
CA GLY B 41 -7.06 -7.34 33.13
C GLY B 41 -7.32 -6.84 31.72
N ARG B 42 -8.20 -5.84 31.64
CA ARG B 42 -8.57 -5.25 30.37
C ARG B 42 -7.36 -4.54 29.77
N ILE B 43 -6.92 -5.00 28.60
CA ILE B 43 -5.81 -4.40 27.87
C ILE B 43 -6.40 -3.53 26.77
N GLN B 44 -6.04 -2.25 26.77
CA GLN B 44 -6.45 -1.31 25.73
C GLN B 44 -5.21 -0.73 25.09
N MET B 45 -5.00 -1.03 23.82
CA MET B 45 -3.85 -0.56 23.07
C MET B 45 -4.32 0.43 22.01
N ARG B 46 -3.66 1.58 21.95
CA ARG B 46 -4.00 2.61 20.99
C ARG B 46 -3.05 2.58 19.80
N THR B 47 -3.56 3.02 18.65
CA THR B 47 -2.79 3.07 17.41
C THR B 47 -1.91 4.30 17.45
N ARG B 48 -0.65 4.11 17.86
CA ARG B 48 0.30 5.21 17.91
C ARG B 48 0.69 5.69 16.51
N ARG B 49 0.95 4.76 15.60
CA ARG B 49 1.36 5.09 14.24
C ARG B 49 0.52 4.31 13.25
N THR B 50 0.31 4.92 12.07
CA THR B 50 -0.30 4.25 10.93
C THR B 50 0.64 4.44 9.75
N LEU B 51 1.07 3.33 9.16
CA LEU B 51 2.05 3.37 8.08
C LEU B 51 1.32 3.27 6.74
N ARG B 52 1.28 4.37 6.00
CA ARG B 52 0.61 4.45 4.73
C ARG B 52 1.62 4.46 3.60
N GLY B 53 1.21 3.94 2.44
CA GLY B 53 2.10 3.89 1.30
C GLY B 53 1.95 2.63 0.47
N HIS B 54 1.46 1.56 1.10
CA HIS B 54 1.19 0.33 0.37
C HIS B 54 -0.13 0.46 -0.39
N LEU B 55 -0.16 -0.02 -1.64
CA LEU B 55 -1.33 0.09 -2.48
C LEU B 55 -1.95 -1.26 -2.80
N ALA B 56 -1.66 -2.28 -2.00
CA ALA B 56 -2.23 -3.60 -2.19
C ALA B 56 -2.21 -4.33 -0.84
N LYS B 57 -2.68 -5.57 -0.85
CA LYS B 57 -2.82 -6.33 0.38
C LYS B 57 -1.46 -6.68 0.96
N ILE B 58 -1.27 -6.35 2.24
CA ILE B 58 -0.02 -6.64 2.92
C ILE B 58 -0.04 -8.10 3.38
N TYR B 59 0.96 -8.86 2.97
CA TYR B 59 1.02 -10.28 3.30
C TYR B 59 2.07 -10.60 4.35
N ALA B 60 3.08 -9.76 4.55
CA ALA B 60 4.18 -10.08 5.42
C ALA B 60 4.71 -8.83 6.10
N MET B 61 5.40 -9.04 7.23
CA MET B 61 5.96 -7.98 8.05
C MET B 61 6.89 -8.60 9.07
N HIS B 62 8.04 -7.97 9.29
CA HIS B 62 9.01 -8.49 10.25
C HIS B 62 9.74 -7.33 10.89
N TRP B 63 9.71 -7.25 12.23
CA TRP B 63 10.46 -6.26 12.96
C TRP B 63 11.95 -6.52 12.87
N GLY B 64 12.73 -5.45 12.96
CA GLY B 64 14.16 -5.58 13.10
C GLY B 64 14.56 -5.84 14.53
N THR B 65 15.84 -6.18 14.71
CA THR B 65 16.36 -6.42 16.05
C THR B 65 16.34 -5.15 16.89
N ASP B 66 16.65 -4.00 16.29
CA ASP B 66 16.68 -2.74 17.02
C ASP B 66 15.29 -2.26 17.43
N SER B 67 14.23 -2.91 16.95
CA SER B 67 12.86 -2.58 17.33
C SER B 67 12.46 -1.18 16.87
N ARG B 68 13.05 -0.71 15.78
CA ARG B 68 12.66 0.58 15.20
C ARG B 68 12.37 0.46 13.72
N LEU B 69 13.16 -0.36 13.02
CA LEU B 69 13.03 -0.55 11.58
C LEU B 69 12.28 -1.83 11.31
N LEU B 70 11.24 -1.76 10.48
CA LEU B 70 10.45 -2.93 10.16
C LEU B 70 10.19 -3.01 8.66
N VAL B 71 10.17 -4.22 8.14
CA VAL B 71 9.98 -4.46 6.70
C VAL B 71 8.55 -4.92 6.46
N SER B 72 7.99 -4.52 5.32
CA SER B 72 6.62 -4.86 4.98
C SER B 72 6.55 -5.25 3.51
N ALA B 73 5.84 -6.34 3.23
CA ALA B 73 5.65 -6.86 1.89
C ALA B 73 4.17 -6.86 1.54
N SER B 74 3.86 -6.34 0.35
CA SER B 74 2.48 -6.32 -0.11
C SER B 74 2.47 -6.59 -1.61
N GLN B 75 1.28 -6.90 -2.12
CA GLN B 75 1.14 -7.41 -3.48
C GLN B 75 1.44 -6.39 -4.56
N ASP B 76 1.63 -5.11 -4.22
CA ASP B 76 1.97 -4.14 -5.25
C ASP B 76 3.39 -4.32 -5.77
N GLY B 77 4.09 -5.37 -5.37
CA GLY B 77 5.42 -5.63 -5.84
C GLY B 77 6.51 -4.86 -5.14
N LYS B 78 6.24 -4.30 -3.97
CA LYS B 78 7.20 -3.46 -3.29
C LYS B 78 7.43 -3.96 -1.86
N LEU B 79 8.68 -3.86 -1.42
CA LEU B 79 9.10 -4.20 -0.07
C LEU B 79 9.55 -2.91 0.59
N ILE B 80 8.77 -2.42 1.55
CA ILE B 80 8.99 -1.10 2.13
C ILE B 80 9.56 -1.25 3.52
N ILE B 81 10.63 -0.52 3.81
CA ILE B 81 11.28 -0.53 5.11
C ILE B 81 10.95 0.77 5.81
N TRP B 82 10.31 0.66 6.97
CA TRP B 82 9.76 1.78 7.69
C TRP B 82 10.54 2.04 8.97
N ASP B 83 10.81 3.31 9.22
CA ASP B 83 11.15 3.80 10.56
C ASP B 83 9.85 3.95 11.33
N SER B 84 9.67 3.11 12.35
CA SER B 84 8.41 3.13 13.10
C SER B 84 8.30 4.34 14.01
N TYR B 85 9.42 4.82 14.56
CA TYR B 85 9.36 5.92 15.52
C TYR B 85 8.82 7.18 14.86
N THR B 86 9.42 7.57 13.74
CA THR B 86 8.91 8.64 12.89
C THR B 86 8.53 8.01 11.56
N THR B 87 7.27 8.13 11.17
CA THR B 87 6.76 7.36 10.05
C THR B 87 7.46 7.77 8.76
N ASN B 88 8.40 6.94 8.31
CA ASN B 88 9.25 7.25 7.18
C ASN B 88 9.51 5.97 6.40
N LYS B 89 9.82 6.12 5.13
CA LYS B 89 10.17 5.00 4.26
C LYS B 89 11.68 5.06 4.01
N VAL B 90 12.42 4.17 4.66
CA VAL B 90 13.86 4.13 4.48
C VAL B 90 14.20 3.58 3.10
N HIS B 91 13.54 2.49 2.69
CA HIS B 91 13.79 1.87 1.41
C HIS B 91 12.48 1.40 0.81
N ALA B 92 12.44 1.35 -0.52
CA ALA B 92 11.31 0.79 -1.26
C ALA B 92 11.90 -0.10 -2.36
N ILE B 93 12.07 -1.38 -2.06
CA ILE B 93 12.68 -2.31 -2.99
C ILE B 93 11.61 -2.81 -3.96
N PRO B 94 11.80 -2.64 -5.27
CA PRO B 94 10.85 -3.18 -6.25
C PRO B 94 11.16 -4.64 -6.55
N LEU B 95 10.26 -5.53 -6.14
CA LEU B 95 10.47 -6.95 -6.30
C LEU B 95 10.24 -7.38 -7.75
N ARG B 96 10.94 -8.43 -8.15
CA ARG B 96 10.75 -8.98 -9.49
C ARG B 96 9.40 -9.66 -9.61
N SER B 97 8.99 -10.41 -8.58
CA SER B 97 7.70 -11.07 -8.55
C SER B 97 6.81 -10.38 -7.54
N SER B 98 5.68 -9.87 -8.01
CA SER B 98 4.75 -9.14 -7.15
C SER B 98 4.01 -10.04 -6.17
N TRP B 99 4.04 -11.36 -6.38
CA TRP B 99 3.30 -12.29 -5.54
C TRP B 99 4.14 -12.72 -4.33
N VAL B 100 4.35 -11.78 -3.43
CA VAL B 100 5.16 -12.02 -2.24
C VAL B 100 4.25 -12.42 -1.09
N MET B 101 4.62 -13.49 -0.40
CA MET B 101 3.86 -14.01 0.73
C MET B 101 4.65 -14.07 2.02
N THR B 102 5.92 -13.67 2.03
CA THR B 102 6.72 -13.68 3.24
C THR B 102 7.86 -12.69 3.11
N CYS B 103 8.32 -12.18 4.26
CA CYS B 103 9.44 -11.28 4.33
C CYS B 103 10.19 -11.52 5.62
N ALA B 104 11.48 -11.20 5.63
CA ALA B 104 12.32 -11.44 6.79
C ALA B 104 13.34 -10.31 6.93
N TYR B 105 13.63 -9.95 8.16
CA TYR B 105 14.69 -8.99 8.49
C TYR B 105 15.80 -9.73 9.22
N ALA B 106 17.01 -9.64 8.68
CA ALA B 106 18.14 -10.31 9.29
C ALA B 106 18.43 -9.71 10.66
N PRO B 107 18.89 -10.52 11.61
CA PRO B 107 19.21 -9.99 12.94
C PRO B 107 20.22 -8.86 12.93
N SER B 108 21.22 -8.95 12.04
CA SER B 108 22.20 -7.88 11.94
C SER B 108 21.58 -6.63 11.30
N GLY B 109 20.69 -6.82 10.34
CA GLY B 109 20.06 -5.71 9.64
C GLY B 109 20.63 -5.44 8.26
N ASN B 110 21.66 -6.16 7.84
CA ASN B 110 22.28 -5.93 6.55
C ASN B 110 21.48 -6.51 5.39
N TYR B 111 20.58 -7.47 5.64
CA TYR B 111 19.88 -8.16 4.58
C TYR B 111 18.39 -8.26 4.89
N VAL B 112 17.60 -8.36 3.84
CA VAL B 112 16.16 -8.60 3.95
C VAL B 112 15.76 -9.64 2.91
N ALA B 113 15.02 -10.66 3.33
CA ALA B 113 14.60 -11.73 2.44
C ALA B 113 13.11 -11.64 2.14
N CYS B 114 12.75 -11.99 0.92
CA CYS B 114 11.36 -12.07 0.49
C CYS B 114 11.18 -13.33 -0.33
N GLY B 115 9.92 -13.67 -0.59
CA GLY B 115 9.63 -14.85 -1.39
C GLY B 115 8.13 -14.97 -1.56
N GLY B 116 7.75 -15.91 -2.41
CA GLY B 116 6.34 -16.12 -2.69
C GLY B 116 6.06 -17.22 -3.70
N LEU B 117 5.15 -16.93 -4.63
CA LEU B 117 4.72 -17.92 -5.61
C LEU B 117 5.79 -18.25 -6.63
N ASP B 118 6.90 -17.52 -6.65
CA ASP B 118 8.02 -17.83 -7.53
C ASP B 118 8.86 -19.00 -7.03
N ASN B 119 8.57 -19.52 -5.83
CA ASN B 119 9.35 -20.57 -5.18
C ASN B 119 10.82 -20.19 -5.06
N ILE B 120 11.10 -18.90 -4.96
CA ILE B 120 12.47 -18.39 -4.89
C ILE B 120 12.57 -17.47 -3.68
N CYS B 121 13.57 -17.71 -2.84
CA CYS B 121 13.87 -16.83 -1.72
C CYS B 121 14.88 -15.80 -2.21
N SER B 122 14.43 -14.57 -2.38
CA SER B 122 15.28 -13.49 -2.87
C SER B 122 15.79 -12.70 -1.68
N ILE B 123 17.10 -12.61 -1.53
CA ILE B 123 17.75 -11.94 -0.41
C ILE B 123 18.43 -10.69 -0.95
N TYR B 124 18.04 -9.54 -0.40
CA TYR B 124 18.49 -8.22 -0.81
C TYR B 124 19.43 -7.63 0.22
N ASN B 125 20.42 -6.88 -0.25
CA ASN B 125 21.43 -6.26 0.59
C ASN B 125 21.04 -4.81 0.84
N LEU B 126 20.91 -4.43 2.11
CA LEU B 126 20.50 -3.06 2.43
C LEU B 126 21.70 -2.13 2.51
N LYS B 127 22.78 -2.57 3.12
CA LYS B 127 23.98 -1.76 3.27
C LYS B 127 24.89 -2.04 2.08
N THR B 128 24.93 -1.10 1.14
CA THR B 128 25.72 -1.26 -0.07
C THR B 128 26.46 0.03 -0.36
N ARG B 129 27.64 -0.09 -0.98
CA ARG B 129 28.42 1.08 -1.35
C ARG B 129 27.77 1.88 -2.47
N GLU B 130 26.90 1.26 -3.26
CA GLU B 130 26.21 1.95 -4.33
C GLU B 130 25.01 2.76 -3.86
N GLY B 131 24.57 2.57 -2.62
CA GLY B 131 23.48 3.32 -2.06
C GLY B 131 22.10 2.80 -2.36
N ASN B 132 21.99 1.79 -3.22
CA ASN B 132 20.71 1.21 -3.59
C ASN B 132 20.64 -0.24 -3.11
N VAL B 133 19.43 -0.70 -2.81
CA VAL B 133 19.25 -2.07 -2.36
C VAL B 133 19.39 -3.01 -3.55
N ARG B 134 20.32 -3.94 -3.47
CA ARG B 134 20.58 -4.91 -4.52
C ARG B 134 20.33 -6.32 -4.03
N VAL B 135 19.79 -7.15 -4.92
CA VAL B 135 19.47 -8.54 -4.59
C VAL B 135 20.79 -9.29 -4.43
N SER B 136 21.06 -9.77 -3.21
CA SER B 136 22.29 -10.50 -2.96
C SER B 136 22.22 -11.91 -3.53
N ARG B 137 21.09 -12.58 -3.36
CA ARG B 137 21.00 -13.98 -3.77
C ARG B 137 19.57 -14.31 -4.18
N GLU B 138 19.46 -15.35 -5.00
CA GLU B 138 18.16 -15.87 -5.45
C GLU B 138 18.18 -17.38 -5.20
N LEU B 139 17.82 -17.79 -3.99
CA LEU B 139 17.82 -19.19 -3.62
C LEU B 139 16.65 -19.90 -4.29
N ALA B 140 16.95 -20.89 -5.11
CA ALA B 140 15.93 -21.66 -5.81
C ALA B 140 16.17 -23.14 -5.57
N GLY B 141 15.11 -23.92 -5.71
CA GLY B 141 15.17 -25.35 -5.46
C GLY B 141 13.89 -25.88 -4.86
N HIS B 142 13.09 -24.98 -4.27
CA HIS B 142 11.77 -25.35 -3.80
C HIS B 142 10.84 -25.53 -4.99
N THR B 143 10.01 -26.56 -4.94
CA THR B 143 9.05 -26.82 -6.00
C THR B 143 7.67 -26.27 -5.67
N GLY B 144 7.53 -25.54 -4.57
CA GLY B 144 6.25 -24.96 -4.19
C GLY B 144 6.43 -23.57 -3.61
N TYR B 145 5.30 -22.92 -3.38
CA TYR B 145 5.30 -21.54 -2.92
C TYR B 145 5.97 -21.40 -1.56
N LEU B 146 6.79 -20.35 -1.42
CA LEU B 146 7.42 -20.07 -0.15
C LEU B 146 6.44 -19.35 0.78
N SER B 147 6.33 -19.84 2.00
CA SER B 147 5.38 -19.31 2.97
C SER B 147 6.04 -18.54 4.10
N CYS B 148 7.22 -18.93 4.53
CA CYS B 148 7.93 -18.22 5.59
C CYS B 148 9.43 -18.45 5.43
N CYS B 149 10.20 -17.40 5.69
CA CYS B 149 11.65 -17.48 5.72
C CYS B 149 12.16 -16.76 6.95
N ARG B 150 13.03 -17.42 7.71
CA ARG B 150 13.61 -16.84 8.91
C ARG B 150 15.12 -16.89 8.81
N PHE B 151 15.77 -15.82 9.26
CA PHE B 151 17.23 -15.73 9.24
C PHE B 151 17.82 -16.32 10.51
N LEU B 152 18.71 -17.31 10.36
CA LEU B 152 19.50 -17.77 11.48
C LEU B 152 20.62 -16.78 11.78
N ASP B 153 21.41 -16.46 10.76
CA ASP B 153 22.42 -15.41 10.81
C ASP B 153 22.52 -14.82 9.41
N ASP B 154 23.59 -14.07 9.16
CA ASP B 154 23.73 -13.41 7.87
C ASP B 154 24.05 -14.37 6.74
N ASN B 155 24.35 -15.64 7.02
CA ASN B 155 24.74 -16.58 6.00
C ASN B 155 23.79 -17.75 5.82
N GLN B 156 22.98 -18.09 6.82
CA GLN B 156 22.04 -19.19 6.73
C GLN B 156 20.62 -18.67 6.88
N ILE B 157 19.72 -19.19 6.05
CA ILE B 157 18.31 -18.84 6.10
C ILE B 157 17.48 -20.11 6.06
N VAL B 158 16.35 -20.11 6.76
CA VAL B 158 15.47 -21.26 6.83
C VAL B 158 14.13 -20.90 6.19
N THR B 159 13.72 -21.68 5.20
CA THR B 159 12.50 -21.41 4.47
C THR B 159 11.54 -22.59 4.58
N SER B 160 10.26 -22.30 4.44
CA SER B 160 9.21 -23.31 4.37
C SER B 160 8.44 -23.14 3.07
N SER B 161 8.14 -24.24 2.41
CA SER B 161 7.50 -24.15 1.09
C SER B 161 6.23 -24.99 1.07
N GLY B 162 5.47 -24.81 0.00
CA GLY B 162 4.25 -25.54 -0.24
C GLY B 162 4.45 -26.94 -0.76
N ASP B 163 5.70 -27.36 -0.98
CA ASP B 163 6.01 -28.71 -1.37
C ASP B 163 6.17 -29.64 -0.17
N THR B 164 5.54 -29.28 0.96
CA THR B 164 5.57 -30.08 2.18
C THR B 164 6.98 -30.22 2.74
N THR B 165 7.84 -29.23 2.49
CA THR B 165 9.22 -29.30 2.94
C THR B 165 9.66 -27.96 3.51
N CYS B 166 10.75 -28.02 4.27
CA CYS B 166 11.50 -26.86 4.72
C CYS B 166 12.94 -27.05 4.29
N ALA B 167 13.69 -25.94 4.25
CA ALA B 167 15.05 -26.00 3.77
C ALA B 167 15.94 -25.04 4.56
N LEU B 168 17.21 -25.40 4.68
CA LEU B 168 18.24 -24.53 5.23
C LEU B 168 19.22 -24.23 4.10
N TRP B 169 19.39 -22.95 3.80
CA TRP B 169 20.25 -22.48 2.73
C TRP B 169 21.42 -21.72 3.33
N ASP B 170 22.62 -22.00 2.82
CA ASP B 170 23.75 -21.10 3.00
C ASP B 170 23.77 -20.14 1.81
N ILE B 171 23.75 -18.84 2.12
CA ILE B 171 23.53 -17.83 1.09
C ILE B 171 24.74 -17.70 0.18
N GLU B 172 25.94 -17.87 0.73
CA GLU B 172 27.16 -17.60 -0.03
C GLU B 172 27.39 -18.63 -1.15
N THR B 173 26.66 -19.74 -1.14
CA THR B 173 26.62 -20.64 -2.29
C THR B 173 25.24 -20.83 -2.89
N GLY B 174 24.19 -20.41 -2.20
CA GLY B 174 22.83 -20.60 -2.70
C GLY B 174 22.43 -22.05 -2.84
N GLN B 175 22.83 -22.90 -1.89
CA GLN B 175 22.57 -24.32 -1.95
C GLN B 175 21.77 -24.75 -0.73
N GLN B 176 21.02 -25.84 -0.89
CA GLN B 176 20.21 -26.39 0.18
C GLN B 176 21.09 -27.29 1.04
N THR B 177 21.52 -26.78 2.20
CA THR B 177 22.35 -27.57 3.09
C THR B 177 21.59 -28.75 3.66
N THR B 178 20.39 -28.52 4.18
CA THR B 178 19.58 -29.55 4.79
C THR B 178 18.13 -29.37 4.38
N THR B 179 17.52 -30.42 3.86
CA THR B 179 16.11 -30.43 3.50
C THR B 179 15.34 -31.20 4.56
N PHE B 180 14.43 -30.51 5.24
CA PHE B 180 13.59 -31.07 6.29
C PHE B 180 12.29 -31.54 5.64
N THR B 181 12.06 -32.85 5.67
CA THR B 181 10.87 -33.46 5.07
C THR B 181 10.16 -34.32 6.11
N GLY B 182 8.87 -34.52 5.89
CA GLY B 182 8.06 -35.29 6.81
C GLY B 182 6.64 -34.79 6.93
N HIS B 183 6.39 -33.57 6.45
CA HIS B 183 5.04 -33.03 6.44
C HIS B 183 4.28 -33.58 5.25
N THR B 184 2.97 -33.78 5.43
CA THR B 184 2.12 -34.27 4.35
C THR B 184 1.49 -33.13 3.56
N GLY B 185 1.04 -32.07 4.24
CA GLY B 185 0.50 -30.90 3.58
C GLY B 185 1.53 -29.80 3.43
N ASP B 186 1.06 -28.67 2.90
CA ASP B 186 1.94 -27.54 2.68
C ASP B 186 2.28 -26.86 3.99
N VAL B 187 3.56 -26.56 4.19
CA VAL B 187 4.01 -25.90 5.40
C VAL B 187 3.77 -24.40 5.27
N MET B 188 3.08 -23.81 6.25
CA MET B 188 2.66 -22.43 6.14
C MET B 188 3.37 -21.47 7.09
N SER B 189 3.98 -21.95 8.16
CA SER B 189 4.65 -21.07 9.09
C SER B 189 5.78 -21.80 9.80
N LEU B 190 6.84 -21.06 10.10
CA LEU B 190 7.95 -21.57 10.89
C LEU B 190 8.40 -20.50 11.87
N SER B 191 8.90 -20.93 13.02
CA SER B 191 9.41 -20.03 14.04
C SER B 191 10.71 -20.58 14.60
N LEU B 192 11.72 -19.73 14.68
CA LEU B 192 13.03 -20.11 15.18
C LEU B 192 13.10 -19.91 16.68
N ALA B 193 13.74 -20.86 17.36
CA ALA B 193 13.91 -20.77 18.80
C ALA B 193 14.89 -19.65 19.14
N PRO B 194 14.82 -19.09 20.34
CA PRO B 194 15.77 -18.03 20.72
C PRO B 194 17.23 -18.46 20.63
N ASP B 195 17.54 -19.73 20.93
CA ASP B 195 18.91 -20.20 20.80
C ASP B 195 19.25 -20.58 19.36
N THR B 196 18.27 -20.54 18.45
CA THR B 196 18.45 -20.86 17.03
C THR B 196 19.11 -22.23 16.81
N ARG B 197 18.65 -23.21 17.58
CA ARG B 197 19.02 -24.61 17.35
C ARG B 197 17.85 -25.50 16.95
N LEU B 198 16.63 -25.16 17.33
CA LEU B 198 15.44 -25.89 16.93
C LEU B 198 14.45 -24.93 16.30
N PHE B 199 13.64 -25.43 15.38
CA PHE B 199 12.57 -24.60 14.83
C PHE B 199 11.32 -25.44 14.59
N VAL B 200 10.17 -24.84 14.83
CA VAL B 200 8.88 -25.50 14.71
C VAL B 200 8.22 -25.04 13.41
N SER B 201 7.68 -25.99 12.65
CA SER B 201 7.00 -25.70 11.40
C SER B 201 5.60 -26.29 11.43
N GLY B 202 4.61 -25.46 11.19
CA GLY B 202 3.21 -25.88 11.13
C GLY B 202 2.76 -25.99 9.69
N ALA B 203 2.05 -27.07 9.38
CA ALA B 203 1.67 -27.33 8.01
C ALA B 203 0.16 -27.56 7.91
N CYS B 204 -0.30 -27.82 6.69
CA CYS B 204 -1.72 -27.94 6.41
C CYS B 204 -2.30 -29.28 6.81
N ASP B 205 -1.49 -30.25 7.22
CA ASP B 205 -2.00 -31.50 7.77
C ASP B 205 -2.34 -31.40 9.25
N ALA B 206 -2.55 -30.18 9.74
CA ALA B 206 -2.87 -29.92 11.14
C ALA B 206 -1.80 -30.45 12.08
N SER B 207 -0.54 -30.38 11.64
CA SER B 207 0.57 -30.87 12.44
C SER B 207 1.67 -29.83 12.52
N ALA B 208 2.28 -29.73 13.70
CA ALA B 208 3.44 -28.88 13.94
C ALA B 208 4.61 -29.77 14.31
N LYS B 209 5.69 -29.68 13.56
CA LYS B 209 6.85 -30.54 13.75
C LYS B 209 8.03 -29.71 14.25
N LEU B 210 8.76 -30.25 15.22
CA LEU B 210 9.93 -29.60 15.79
C LEU B 210 11.18 -30.22 15.17
N TRP B 211 12.03 -29.39 14.59
CA TRP B 211 13.20 -29.85 13.86
C TRP B 211 14.47 -29.36 14.53
N ASP B 212 15.45 -30.26 14.60
CA ASP B 212 16.82 -29.91 14.97
C ASP B 212 17.53 -29.36 13.75
N VAL B 213 18.03 -28.13 13.85
CA VAL B 213 18.65 -27.48 12.70
C VAL B 213 19.96 -28.17 12.33
N ARG B 214 20.78 -28.49 13.33
CA ARG B 214 22.11 -29.04 13.06
C ARG B 214 22.02 -30.46 12.49
N GLU B 215 21.19 -31.32 13.10
CA GLU B 215 21.13 -32.70 12.65
C GLU B 215 20.27 -32.85 11.41
N GLY B 216 18.99 -32.53 11.50
CA GLY B 216 18.13 -32.43 10.34
C GLY B 216 16.91 -33.34 10.29
N MET B 217 16.48 -33.90 11.41
CA MET B 217 15.30 -34.74 11.43
C MET B 217 14.27 -34.20 12.43
N CYS B 218 13.01 -34.55 12.18
CA CYS B 218 11.94 -34.13 13.08
C CYS B 218 12.05 -34.84 14.42
N ARG B 219 12.04 -34.08 15.50
CA ARG B 219 12.18 -34.66 16.83
C ARG B 219 10.82 -35.00 17.42
N GLN B 220 9.87 -34.07 17.34
CA GLN B 220 8.55 -34.24 17.91
C GLN B 220 7.50 -33.76 16.91
N THR B 221 6.35 -34.42 16.92
CA THR B 221 5.22 -34.03 16.08
C THR B 221 4.02 -33.80 16.97
N PHE B 222 3.43 -32.62 16.88
CA PHE B 222 2.30 -32.21 17.70
C PHE B 222 1.06 -32.12 16.82
N THR B 223 0.01 -32.81 17.23
CA THR B 223 -1.27 -32.82 16.54
C THR B 223 -2.34 -32.30 17.48
N GLY B 224 -3.55 -32.15 16.97
CA GLY B 224 -4.65 -31.67 17.79
C GLY B 224 -5.55 -30.70 17.05
N HIS B 225 -4.99 -29.96 16.11
CA HIS B 225 -5.80 -29.03 15.31
C HIS B 225 -6.70 -29.81 14.36
N GLU B 226 -7.87 -29.26 14.10
CA GLU B 226 -8.81 -29.85 13.16
C GLU B 226 -8.68 -29.30 11.75
N SER B 227 -7.78 -28.36 11.52
CA SER B 227 -7.61 -27.75 10.20
C SER B 227 -6.17 -27.29 10.07
N ASP B 228 -5.87 -26.63 8.95
CA ASP B 228 -4.51 -26.26 8.62
C ASP B 228 -3.95 -25.25 9.62
N ILE B 229 -2.67 -25.39 9.93
CA ILE B 229 -1.96 -24.45 10.80
C ILE B 229 -1.36 -23.36 9.92
N ASN B 230 -1.81 -22.13 10.11
CA ASN B 230 -1.39 -21.00 9.29
C ASN B 230 -0.37 -20.11 9.98
N ALA B 231 -0.25 -20.22 11.31
CA ALA B 231 0.65 -19.38 12.08
C ALA B 231 1.29 -20.19 13.18
N ILE B 232 2.59 -19.95 13.41
CA ILE B 232 3.33 -20.55 14.50
C ILE B 232 4.20 -19.49 15.13
N CYS B 233 4.51 -19.66 16.41
CA CYS B 233 5.37 -18.72 17.12
C CYS B 233 5.92 -19.40 18.35
N PHE B 234 7.24 -19.32 18.53
CA PHE B 234 7.87 -19.87 19.71
C PHE B 234 7.59 -19.02 20.95
N PHE B 235 7.37 -19.69 22.07
CA PHE B 235 7.37 -19.03 23.35
C PHE B 235 8.75 -18.43 23.62
N PRO B 236 8.81 -17.28 24.29
CA PRO B 236 10.12 -16.66 24.55
C PRO B 236 11.08 -17.57 25.30
N ASN B 237 10.56 -18.45 26.16
CA ASN B 237 11.40 -19.41 26.86
C ASN B 237 12.04 -20.42 25.92
N GLY B 238 11.40 -20.71 24.78
CA GLY B 238 11.86 -21.74 23.88
C GLY B 238 11.39 -23.13 24.19
N ASN B 239 10.63 -23.32 25.28
CA ASN B 239 10.12 -24.62 25.68
C ASN B 239 8.63 -24.76 25.41
N ALA B 240 8.08 -23.91 24.55
CA ALA B 240 6.68 -24.00 24.15
C ALA B 240 6.51 -23.23 22.85
N PHE B 241 5.38 -23.45 22.19
CA PHE B 241 5.04 -22.67 21.01
C PHE B 241 3.53 -22.61 20.86
N ALA B 242 3.08 -21.68 20.02
CA ALA B 242 1.66 -21.43 19.80
C ALA B 242 1.34 -21.56 18.32
N THR B 243 0.19 -22.16 18.03
CA THR B 243 -0.24 -22.45 16.68
C THR B 243 -1.62 -21.85 16.46
N GLY B 244 -1.78 -21.16 15.34
CA GLY B 244 -3.07 -20.66 14.90
C GLY B 244 -3.53 -21.44 13.69
N SER B 245 -4.84 -21.71 13.63
CA SER B 245 -5.38 -22.57 12.59
C SER B 245 -6.66 -21.95 12.04
N ASP B 246 -7.23 -22.62 11.03
CA ASP B 246 -8.49 -22.19 10.45
C ASP B 246 -9.70 -22.71 11.22
N ASP B 247 -9.50 -23.48 12.28
CA ASP B 247 -10.59 -23.89 13.15
C ASP B 247 -10.95 -22.83 14.18
N ALA B 248 -10.46 -21.59 14.00
CA ALA B 248 -10.76 -20.47 14.89
C ALA B 248 -10.27 -20.70 16.31
N THR B 249 -9.22 -21.51 16.47
CA THR B 249 -8.65 -21.79 17.77
C THR B 249 -7.14 -21.63 17.72
N CYS B 250 -6.56 -21.17 18.83
CA CYS B 250 -5.12 -21.18 19.03
C CYS B 250 -4.77 -22.32 19.99
N ARG B 251 -3.56 -22.84 19.87
CA ARG B 251 -3.15 -23.95 20.71
C ARG B 251 -1.73 -23.71 21.22
N LEU B 252 -1.49 -24.11 22.46
CA LEU B 252 -0.17 -23.98 23.08
C LEU B 252 0.39 -25.38 23.31
N PHE B 253 1.52 -25.66 22.68
CA PHE B 253 2.18 -26.96 22.78
C PHE B 253 3.47 -26.82 23.56
N ASP B 254 3.70 -27.77 24.47
CA ASP B 254 4.93 -27.82 25.25
C ASP B 254 5.88 -28.84 24.65
N LEU B 255 7.12 -28.41 24.45
CA LEU B 255 8.12 -29.28 23.84
C LEU B 255 8.51 -30.43 24.76
N ARG B 256 8.73 -30.13 26.05
CA ARG B 256 9.16 -31.18 26.97
C ARG B 256 8.01 -32.08 27.40
N ALA B 257 6.79 -31.54 27.49
CA ALA B 257 5.62 -32.36 27.78
C ALA B 257 5.12 -33.10 26.55
N ASP B 258 5.52 -32.66 25.35
CA ASP B 258 5.21 -33.33 24.09
C ASP B 258 3.70 -33.46 23.89
N GLN B 259 2.95 -32.43 24.28
CA GLN B 259 1.52 -32.40 24.02
C GLN B 259 0.98 -31.00 24.27
N GLU B 260 -0.27 -30.79 23.88
CA GLU B 260 -0.92 -29.50 24.07
C GLU B 260 -1.09 -29.18 25.54
N LEU B 261 -1.15 -27.89 25.85
CA LEU B 261 -1.42 -27.42 27.20
C LEU B 261 -2.71 -26.62 27.30
N MET B 262 -3.04 -25.81 26.30
CA MET B 262 -4.29 -25.06 26.34
C MET B 262 -4.73 -24.74 24.92
N THR B 263 -6.04 -24.62 24.74
CA THR B 263 -6.65 -24.15 23.51
C THR B 263 -7.42 -22.87 23.79
N TYR B 264 -7.06 -21.81 23.09
CA TYR B 264 -7.74 -20.52 23.19
C TYR B 264 -8.80 -20.44 22.11
N SER B 265 -10.06 -20.36 22.53
CA SER B 265 -11.19 -20.37 21.61
C SER B 265 -12.34 -19.62 22.25
N HIS B 266 -13.28 -19.19 21.41
CA HIS B 266 -14.49 -18.53 21.85
C HIS B 266 -15.57 -18.79 20.82
N ASP B 267 -16.82 -18.90 21.28
CA ASP B 267 -17.91 -19.22 20.37
C ASP B 267 -18.15 -18.14 19.34
N ASN B 268 -17.92 -16.87 19.70
CA ASN B 268 -18.15 -15.77 18.77
C ASN B 268 -17.16 -15.77 17.60
N ILE B 269 -16.05 -16.50 17.72
CA ILE B 269 -15.01 -16.50 16.69
C ILE B 269 -15.15 -17.75 15.84
N ILE B 270 -15.46 -17.57 14.56
CA ILE B 270 -15.47 -18.65 13.59
C ILE B 270 -14.34 -18.54 12.58
N CYS B 271 -13.82 -17.34 12.33
CA CYS B 271 -12.80 -17.14 11.32
C CYS B 271 -11.46 -17.69 11.79
N GLY B 272 -10.64 -18.09 10.81
CA GLY B 272 -9.35 -18.65 11.13
C GLY B 272 -8.34 -17.61 11.57
N ILE B 273 -7.24 -18.11 12.13
CA ILE B 273 -6.13 -17.28 12.59
C ILE B 273 -5.09 -17.23 11.47
N THR B 274 -4.64 -16.01 11.13
CA THR B 274 -3.61 -15.82 10.13
C THR B 274 -2.22 -15.67 10.73
N SER B 275 -2.10 -14.96 11.85
CA SER B 275 -0.81 -14.72 12.47
C SER B 275 -0.92 -14.93 13.97
N VAL B 276 0.19 -15.30 14.59
CA VAL B 276 0.26 -15.51 16.03
C VAL B 276 1.60 -15.01 16.52
N SER B 277 1.61 -14.27 17.62
CA SER B 277 2.85 -13.79 18.21
C SER B 277 2.67 -13.64 19.71
N PHE B 278 3.80 -13.62 20.42
CA PHE B 278 3.84 -13.44 21.86
C PHE B 278 4.43 -12.09 22.20
N SER B 279 4.09 -11.60 23.39
CA SER B 279 4.76 -10.45 23.95
C SER B 279 6.10 -10.88 24.53
N LYS B 280 6.91 -9.90 24.94
CA LYS B 280 8.20 -10.22 25.55
C LYS B 280 8.07 -10.55 27.03
N SER B 281 7.08 -11.35 27.38
CA SER B 281 7.00 -12.00 28.68
C SER B 281 6.44 -13.40 28.59
N GLY B 282 5.83 -13.78 27.47
CA GLY B 282 5.10 -15.03 27.36
C GLY B 282 3.70 -14.99 27.93
N ARG B 283 3.23 -13.83 28.37
CA ARG B 283 1.93 -13.75 29.03
C ARG B 283 0.81 -13.48 28.04
N LEU B 284 1.07 -12.71 26.99
CA LEU B 284 0.04 -12.30 26.04
C LEU B 284 0.30 -12.97 24.70
N LEU B 285 -0.73 -13.60 24.16
CA LEU B 285 -0.70 -14.23 22.83
C LEU B 285 -1.56 -13.38 21.92
N LEU B 286 -0.92 -12.69 20.97
CA LEU B 286 -1.63 -11.84 20.03
C LEU B 286 -1.83 -12.63 18.74
N ALA B 287 -3.08 -12.78 18.33
CA ALA B 287 -3.43 -13.53 17.14
C ALA B 287 -4.26 -12.67 16.21
N GLY B 288 -3.85 -12.59 14.95
CA GLY B 288 -4.62 -11.90 13.93
C GLY B 288 -5.68 -12.83 13.36
N TYR B 289 -6.90 -12.33 13.25
CA TYR B 289 -8.02 -13.11 12.78
C TYR B 289 -8.51 -12.54 11.46
N ASP B 290 -9.33 -13.33 10.75
CA ASP B 290 -9.87 -12.91 9.47
C ASP B 290 -11.09 -12.01 9.59
N ASP B 291 -11.60 -11.79 10.81
CA ASP B 291 -12.74 -10.91 11.02
C ASP B 291 -12.32 -9.45 11.18
N PHE B 292 -11.16 -9.09 10.61
CA PHE B 292 -10.65 -7.72 10.63
C PHE B 292 -10.30 -7.30 12.06
N ASN B 293 -9.85 -8.25 12.87
CA ASN B 293 -9.62 -8.02 14.28
C ASN B 293 -8.34 -8.73 14.70
N CYS B 294 -7.77 -8.28 15.82
CA CYS B 294 -6.58 -8.91 16.40
C CYS B 294 -6.84 -9.13 17.88
N ASN B 295 -6.94 -10.38 18.31
CA ASN B 295 -7.31 -10.70 19.68
C ASN B 295 -6.07 -11.02 20.51
N VAL B 296 -6.04 -10.49 21.73
CA VAL B 296 -4.96 -10.72 22.67
C VAL B 296 -5.49 -11.62 23.78
N TRP B 297 -4.96 -12.83 23.86
CA TRP B 297 -5.31 -13.80 24.88
C TRP B 297 -4.27 -13.79 25.99
N ASP B 298 -4.72 -14.16 27.18
CA ASP B 298 -3.83 -14.48 28.28
C ASP B 298 -3.31 -15.89 28.06
N ALA B 299 -1.99 -16.05 28.03
CA ALA B 299 -1.41 -17.35 27.71
C ALA B 299 -1.66 -18.37 28.83
N LEU B 300 -1.64 -17.92 30.08
CA LEU B 300 -1.78 -18.86 31.19
C LEU B 300 -3.24 -19.11 31.52
N LYS B 301 -4.10 -18.12 31.33
CA LYS B 301 -5.54 -18.26 31.53
C LYS B 301 -6.23 -17.99 30.20
N ALA B 302 -7.04 -18.94 29.73
CA ALA B 302 -7.60 -18.88 28.39
C ALA B 302 -8.50 -17.66 28.18
N ASP B 303 -8.68 -16.83 29.20
CA ASP B 303 -9.55 -15.67 29.09
C ASP B 303 -8.98 -14.66 28.10
N ARG B 304 -9.88 -13.99 27.39
CA ARG B 304 -9.49 -13.02 26.38
C ARG B 304 -9.09 -11.72 27.04
N ALA B 305 -7.82 -11.35 26.91
CA ALA B 305 -7.34 -10.15 27.58
C ALA B 305 -7.83 -8.89 26.88
N GLY B 306 -7.80 -8.86 25.56
CA GLY B 306 -8.14 -7.64 24.87
C GLY B 306 -8.41 -7.87 23.39
N VAL B 307 -8.84 -6.80 22.74
CA VAL B 307 -9.17 -6.81 21.33
C VAL B 307 -8.61 -5.54 20.68
N LEU B 308 -8.03 -5.69 19.49
CA LEU B 308 -7.54 -4.58 18.70
C LEU B 308 -8.35 -4.54 17.40
N ALA B 309 -9.03 -3.43 17.17
CA ALA B 309 -9.81 -3.20 15.97
C ALA B 309 -9.38 -1.89 15.33
N GLY B 310 -9.56 -1.80 14.02
CA GLY B 310 -9.08 -0.65 13.28
C GLY B 310 -8.58 -0.99 11.90
N HIS B 311 -8.61 -2.27 11.56
CA HIS B 311 -8.28 -2.73 10.21
C HIS B 311 -9.55 -3.05 9.45
N ASP B 312 -9.66 -2.54 8.23
CA ASP B 312 -10.88 -2.72 7.44
C ASP B 312 -10.88 -4.00 6.63
N ASN B 313 -9.81 -4.79 6.66
CA ASN B 313 -9.76 -6.06 5.96
C ASN B 313 -9.01 -7.05 6.86
N ARG B 314 -8.77 -8.25 6.31
CA ARG B 314 -8.22 -9.33 7.10
C ARG B 314 -6.83 -9.00 7.62
N VAL B 315 -6.61 -9.22 8.91
CA VAL B 315 -5.30 -8.99 9.51
C VAL B 315 -4.39 -10.15 9.13
N SER B 316 -3.46 -9.90 8.21
CA SER B 316 -2.65 -10.95 7.63
C SER B 316 -1.35 -11.18 8.39
N CYS B 317 -0.72 -10.13 8.87
CA CYS B 317 0.57 -10.24 9.53
C CYS B 317 0.56 -9.49 10.85
N LEU B 318 1.32 -10.00 11.81
CA LEU B 318 1.32 -9.44 13.15
C LEU B 318 2.65 -9.76 13.81
N GLY B 319 3.28 -8.73 14.39
CA GLY B 319 4.58 -8.89 14.99
C GLY B 319 4.74 -8.05 16.24
N VAL B 320 5.69 -8.46 17.07
CA VAL B 320 5.99 -7.78 18.33
C VAL B 320 7.49 -7.50 18.37
N THR B 321 7.84 -6.28 18.77
CA THR B 321 9.24 -5.88 18.79
C THR B 321 10.01 -6.67 19.84
N ASP B 322 11.34 -6.70 19.66
CA ASP B 322 12.19 -7.49 20.55
C ASP B 322 12.13 -6.99 21.99
N ASP B 323 12.01 -5.68 22.19
CA ASP B 323 11.85 -5.13 23.51
C ASP B 323 10.41 -5.13 23.98
N GLY B 324 9.47 -5.58 23.14
CA GLY B 324 8.08 -5.62 23.51
C GLY B 324 7.42 -4.26 23.62
N MET B 325 8.01 -3.23 23.03
CA MET B 325 7.48 -1.88 23.18
C MET B 325 6.16 -1.72 22.43
N ALA B 326 6.08 -2.24 21.21
CA ALA B 326 4.95 -2.00 20.33
C ALA B 326 4.55 -3.28 19.63
N VAL B 327 3.37 -3.24 19.02
CA VAL B 327 2.82 -4.38 18.28
C VAL B 327 2.41 -3.89 16.90
N ALA B 328 3.06 -4.40 15.87
CA ALA B 328 2.75 -4.03 14.50
C ALA B 328 1.72 -5.01 13.96
N THR B 329 0.70 -4.49 13.28
CA THR B 329 -0.30 -5.30 12.62
C THR B 329 -0.48 -4.80 11.19
N GLY B 330 -0.39 -5.71 10.23
CA GLY B 330 -0.62 -5.37 8.84
C GLY B 330 -1.73 -6.20 8.25
N SER B 331 -2.70 -5.53 7.64
CA SER B 331 -3.91 -6.17 7.15
C SER B 331 -4.00 -6.00 5.64
N TRP B 332 -5.06 -6.57 5.08
CA TRP B 332 -5.28 -6.53 3.64
C TRP B 332 -5.80 -5.18 3.15
N ASP B 333 -6.06 -4.24 4.05
CA ASP B 333 -6.44 -2.89 3.68
C ASP B 333 -5.24 -2.00 3.39
N SER B 334 -4.08 -2.59 3.14
CA SER B 334 -2.86 -1.87 2.73
C SER B 334 -2.40 -0.87 3.78
N PHE B 335 -2.51 -1.21 5.05
CA PHE B 335 -2.07 -0.34 6.14
C PHE B 335 -1.35 -1.15 7.21
N LEU B 336 -0.39 -0.51 7.86
CA LEU B 336 0.28 -1.06 9.02
C LEU B 336 0.02 -0.15 10.21
N LYS B 337 -0.43 -0.74 11.31
CA LYS B 337 -0.75 0.00 12.52
C LYS B 337 0.16 -0.47 13.64
N ILE B 338 0.80 0.48 14.31
CA ILE B 338 1.68 0.21 15.44
C ILE B 338 0.90 0.53 16.70
N TRP B 339 0.64 -0.49 17.51
CA TRP B 339 -0.20 -0.39 18.70
C TRP B 339 0.66 -0.38 19.95
N ASN B 340 0.24 0.41 20.93
CA ASN B 340 0.93 0.46 22.22
C ASN B 340 -0.04 0.86 23.33
N ALA C 7 8.16 -50.18 -3.12
CA ALA C 7 7.99 -48.74 -3.26
C ALA C 7 7.47 -48.13 -1.96
N SER C 8 6.19 -48.35 -1.68
CA SER C 8 5.60 -47.84 -0.45
C SER C 8 6.15 -48.52 0.79
N ILE C 9 6.81 -49.67 0.63
CA ILE C 9 7.41 -50.36 1.77
C ILE C 9 8.51 -49.50 2.38
N ALA C 10 9.32 -48.85 1.53
CA ALA C 10 10.36 -47.97 2.05
C ALA C 10 9.76 -46.79 2.81
N GLN C 11 8.67 -46.22 2.29
CA GLN C 11 8.00 -45.13 2.99
C GLN C 11 7.47 -45.58 4.33
N ALA C 12 6.86 -46.77 4.38
CA ALA C 12 6.35 -47.30 5.64
C ALA C 12 7.47 -47.54 6.64
N ARG C 13 8.61 -48.08 6.16
CA ARG C 13 9.74 -48.29 7.05
C ARG C 13 10.28 -46.98 7.59
N LYS C 14 10.39 -45.96 6.74
CA LYS C 14 10.86 -44.66 7.20
C LYS C 14 9.91 -44.06 8.22
N LEU C 15 8.59 -44.17 7.97
CA LEU C 15 7.62 -43.66 8.92
C LEU C 15 7.70 -44.40 10.26
N VAL C 16 7.89 -45.72 10.21
CA VAL C 16 7.99 -46.50 11.44
C VAL C 16 9.25 -46.10 12.22
N GLU C 17 10.36 -45.93 11.51
CA GLU C 17 11.60 -45.52 12.18
C GLU C 17 11.46 -44.14 12.81
N GLN C 18 10.83 -43.20 12.10
CA GLN C 18 10.63 -41.87 12.65
C GLN C 18 9.70 -41.92 13.86
N LEU C 19 8.65 -42.74 13.80
CA LEU C 19 7.75 -42.87 14.94
C LEU C 19 8.47 -43.47 16.14
N LYS C 20 9.33 -44.45 15.91
CA LYS C 20 10.12 -45.02 17.01
C LYS C 20 11.06 -43.99 17.60
N MET C 21 11.70 -43.18 16.75
CA MET C 21 12.57 -42.13 17.24
C MET C 21 11.80 -41.10 18.05
N GLU C 22 10.56 -40.82 17.64
CA GLU C 22 9.74 -39.87 18.38
C GLU C 22 9.21 -40.46 19.69
N ALA C 23 9.07 -41.79 19.75
CA ALA C 23 8.50 -42.45 20.92
C ALA C 23 9.51 -42.69 22.03
N ASN C 24 10.80 -42.53 21.75
CA ASN C 24 11.85 -42.82 22.72
C ASN C 24 12.31 -41.60 23.50
N ILE C 25 11.67 -40.44 23.32
CA ILE C 25 12.10 -39.25 24.03
C ILE C 25 11.68 -39.35 25.50
N ASP C 26 12.34 -38.54 26.33
CA ASP C 26 12.01 -38.46 27.75
C ASP C 26 11.07 -37.29 27.97
N ARG C 27 9.94 -37.57 28.62
CA ARG C 27 8.88 -36.59 28.80
C ARG C 27 8.71 -36.29 30.28
N ILE C 28 8.63 -35.00 30.62
CA ILE C 28 8.31 -34.59 31.97
C ILE C 28 6.82 -34.30 32.06
N LYS C 29 6.30 -34.27 33.28
CA LYS C 29 4.87 -34.13 33.48
C LYS C 29 4.40 -32.74 33.09
N VAL C 30 3.10 -32.64 32.80
CA VAL C 30 2.50 -31.36 32.46
C VAL C 30 2.60 -30.38 33.63
N SER C 31 2.57 -30.90 34.85
CA SER C 31 2.68 -30.02 36.03
C SER C 31 3.99 -29.26 36.02
N LYS C 32 5.11 -29.95 35.78
CA LYS C 32 6.41 -29.28 35.81
C LYS C 32 6.55 -28.27 34.67
N ALA C 33 6.10 -28.64 33.47
CA ALA C 33 6.20 -27.72 32.34
C ALA C 33 5.34 -26.48 32.56
N ALA C 34 4.12 -26.67 33.06
CA ALA C 34 3.25 -25.53 33.34
C ALA C 34 3.84 -24.65 34.44
N ALA C 35 4.43 -25.26 35.46
CA ALA C 35 5.08 -24.49 36.51
C ALA C 35 6.24 -23.68 35.96
N ASP C 36 7.02 -24.27 35.06
CA ASP C 36 8.12 -23.54 34.44
C ASP C 36 7.62 -22.37 33.62
N LEU C 37 6.54 -22.57 32.85
CA LEU C 37 5.97 -21.49 32.06
C LEU C 37 5.46 -20.37 32.97
N MET C 38 4.78 -20.73 34.06
CA MET C 38 4.28 -19.74 35.00
C MET C 38 5.42 -18.97 35.66
N ALA C 39 6.48 -19.67 36.04
CA ALA C 39 7.63 -19.01 36.67
C ALA C 39 8.31 -18.06 35.71
N TYR C 40 8.47 -18.46 34.45
CA TYR C 40 9.07 -17.56 33.46
C TYR C 40 8.20 -16.34 33.24
N CYS C 41 6.88 -16.53 33.17
CA CYS C 41 5.97 -15.40 32.98
C CYS C 41 6.06 -14.44 34.15
N GLU C 42 6.13 -14.98 35.38
CA GLU C 42 6.16 -14.13 36.56
C GLU C 42 7.50 -13.41 36.71
N ALA C 43 8.60 -14.06 36.32
CA ALA C 43 9.92 -13.46 36.48
C ALA C 43 10.09 -12.24 35.58
N HIS C 44 9.61 -12.33 34.33
CA HIS C 44 9.80 -11.28 33.34
C HIS C 44 8.57 -10.40 33.18
N ALA C 45 7.61 -10.49 34.10
CA ALA C 45 6.40 -9.69 33.99
C ALA C 45 6.65 -8.20 34.15
N LYS C 46 7.71 -7.82 34.86
CA LYS C 46 8.02 -6.41 35.06
C LYS C 46 8.69 -5.76 33.85
N GLU C 47 9.14 -6.57 32.88
CA GLU C 47 9.82 -6.05 31.71
C GLU C 47 8.97 -6.17 30.45
N ASP C 48 7.66 -6.30 30.60
CA ASP C 48 6.75 -6.39 29.46
C ASP C 48 5.93 -5.12 29.36
N PRO C 49 6.23 -4.22 28.41
CA PRO C 49 5.43 -3.00 28.29
C PRO C 49 3.96 -3.26 27.98
N LEU C 50 3.66 -4.32 27.23
CA LEU C 50 2.28 -4.60 26.86
C LEU C 50 1.45 -4.98 28.08
N LEU C 51 1.96 -5.89 28.90
CA LEU C 51 1.27 -6.29 30.12
C LEU C 51 1.16 -5.11 31.09
N THR C 52 2.30 -4.48 31.39
CA THR C 52 2.35 -3.34 32.31
C THR C 52 2.69 -2.10 31.51
N PRO C 53 1.74 -1.23 31.22
CA PRO C 53 2.04 -0.05 30.40
C PRO C 53 3.10 0.83 31.04
N VAL C 54 4.00 1.34 30.22
CA VAL C 54 5.09 2.21 30.67
C VAL C 54 4.56 3.64 30.77
N PRO C 55 5.19 4.50 31.57
CA PRO C 55 4.84 5.93 31.52
C PRO C 55 5.16 6.51 30.15
N ALA C 56 4.43 7.58 29.80
CA ALA C 56 4.60 8.20 28.49
C ALA C 56 6.00 8.76 28.29
N SER C 57 6.77 8.95 29.36
CA SER C 57 8.12 9.49 29.22
C SER C 57 9.02 8.56 28.43
N GLU C 58 8.97 7.26 28.72
CA GLU C 58 9.84 6.28 28.07
C GLU C 58 9.12 5.49 26.99
N ASN C 59 7.91 5.87 26.61
CA ASN C 59 7.22 5.25 25.49
C ASN C 59 7.71 5.91 24.21
N PRO C 60 8.44 5.21 23.34
CA PRO C 60 8.93 5.84 22.11
C PRO C 60 7.82 6.28 21.18
N PHE C 61 6.65 5.68 21.28
CA PHE C 61 5.51 6.00 20.42
C PHE C 61 4.55 6.87 21.23
N ARG C 62 4.74 8.17 21.17
CA ARG C 62 3.91 9.10 21.92
C ARG C 62 2.86 9.74 21.01
N ILE D 57 -53.81 36.02 0.61
CA ILE D 57 -53.12 35.68 -0.61
C ILE D 57 -51.62 35.95 -0.47
N GLN D 58 -51.27 37.23 -0.25
CA GLN D 58 -49.86 37.59 -0.11
C GLN D 58 -49.25 36.94 1.12
N THR D 59 -49.96 36.98 2.26
CA THR D 59 -49.47 36.31 3.47
C THR D 59 -49.43 34.81 3.27
N ASN D 60 -50.47 34.25 2.64
CA ASN D 60 -50.48 32.82 2.36
C ASN D 60 -49.32 32.42 1.47
N GLY D 61 -49.07 33.20 0.41
CA GLY D 61 -47.93 32.91 -0.45
C GLY D 61 -46.60 33.01 0.28
N LYS D 62 -46.47 34.03 1.14
CA LYS D 62 -45.24 34.20 1.90
C LYS D 62 -44.97 32.99 2.80
N LEU D 63 -45.98 32.58 3.58
CA LEU D 63 -45.82 31.42 4.45
C LEU D 63 -45.59 30.15 3.64
N LEU D 64 -46.27 30.02 2.50
CA LEU D 64 -46.13 28.85 1.64
C LEU D 64 -44.71 28.73 1.10
N LEU D 65 -44.17 29.83 0.59
CA LEU D 65 -42.79 29.84 0.10
C LEU D 65 -41.81 29.58 1.23
N ALA D 66 -42.05 30.15 2.40
CA ALA D 66 -41.17 29.92 3.53
C ALA D 66 -41.14 28.45 3.91
N VAL D 67 -42.31 27.80 3.89
CA VAL D 67 -42.37 26.39 4.26
C VAL D 67 -41.58 25.54 3.27
N PHE D 68 -41.82 25.73 1.96
CA PHE D 68 -41.04 24.97 0.99
C PHE D 68 -39.54 25.26 1.08
N TYR D 69 -39.17 26.53 1.30
CA TYR D 69 -37.74 26.82 1.43
C TYR D 69 -37.14 26.09 2.63
N CYS D 70 -37.86 26.07 3.75
CA CYS D 70 -37.34 25.40 4.94
C CYS D 70 -37.19 23.90 4.71
N LEU D 71 -38.21 23.26 4.11
CA LEU D 71 -38.11 21.82 3.88
C LEU D 71 -37.00 21.50 2.89
N LEU D 72 -36.87 22.29 1.82
CA LEU D 72 -35.82 22.06 0.85
C LEU D 72 -34.45 22.22 1.50
N PHE D 73 -34.29 23.23 2.36
CA PHE D 73 -33.04 23.42 3.05
C PHE D 73 -32.71 22.23 3.94
N VAL D 74 -33.69 21.75 4.69
CA VAL D 74 -33.47 20.62 5.59
C VAL D 74 -33.07 19.38 4.79
N PHE D 75 -33.83 19.07 3.74
CA PHE D 75 -33.58 17.86 2.97
C PHE D 75 -32.23 17.92 2.28
N SER D 76 -31.90 19.06 1.67
CA SER D 76 -30.61 19.18 1.00
C SER D 76 -29.47 19.09 2.00
N LEU D 77 -29.65 19.69 3.19
CA LEU D 77 -28.65 19.57 4.23
C LEU D 77 -28.41 18.11 4.57
N LEU D 78 -29.47 17.35 4.83
CA LEU D 78 -29.27 15.93 5.17
C LEU D 78 -28.56 15.18 4.05
N GLY D 79 -29.05 15.34 2.82
CA GLY D 79 -28.49 14.56 1.72
C GLY D 79 -27.02 14.90 1.45
N ASN D 80 -26.71 16.19 1.34
CA ASN D 80 -25.35 16.59 1.02
C ASN D 80 -24.41 16.32 2.18
N SER D 81 -24.87 16.48 3.42
CA SER D 81 -24.04 16.14 4.57
C SER D 81 -23.76 14.66 4.62
N LEU D 82 -24.74 13.82 4.28
CA LEU D 82 -24.51 12.38 4.25
C LEU D 82 -23.48 12.03 3.19
N VAL D 83 -23.59 12.65 2.01
CA VAL D 83 -22.62 12.40 0.94
C VAL D 83 -21.22 12.80 1.39
N ILE D 84 -21.10 13.99 1.98
CA ILE D 84 -19.79 14.49 2.41
C ILE D 84 -19.22 13.61 3.51
N LEU D 85 -20.05 13.22 4.48
CA LEU D 85 -19.58 12.39 5.58
C LEU D 85 -19.09 11.04 5.09
N VAL D 86 -19.80 10.44 4.14
CA VAL D 86 -19.34 9.18 3.57
C VAL D 86 -18.02 9.38 2.82
N LEU D 87 -17.91 10.46 2.05
CA LEU D 87 -16.77 10.61 1.16
C LEU D 87 -15.50 11.00 1.91
N VAL D 88 -15.52 12.13 2.62
CA VAL D 88 -14.28 12.69 3.14
C VAL D 88 -13.98 12.26 4.57
N VAL D 89 -14.99 11.86 5.33
CA VAL D 89 -14.78 11.52 6.74
C VAL D 89 -14.67 10.02 6.93
N CYS D 90 -15.73 9.29 6.60
CA CYS D 90 -15.76 7.85 6.87
C CYS D 90 -14.89 7.07 5.90
N LYS D 91 -14.79 7.54 4.66
CA LYS D 91 -14.00 6.85 3.63
C LYS D 91 -13.00 7.79 3.01
N LYS D 92 -12.40 7.38 1.89
CA LYS D 92 -11.50 8.22 1.13
C LYS D 92 -12.10 8.54 -0.23
N LEU D 93 -11.66 9.66 -0.80
CA LEU D 93 -12.01 10.00 -2.17
C LEU D 93 -11.19 9.15 -3.13
N ARG D 94 -11.55 7.86 -3.23
CA ARG D 94 -10.70 6.91 -3.95
C ARG D 94 -10.66 7.22 -5.45
N SER D 95 -11.80 7.53 -6.05
CA SER D 95 -11.90 7.66 -7.50
C SER D 95 -12.21 9.11 -7.89
N ILE D 96 -12.10 9.36 -9.19
CA ILE D 96 -12.41 10.68 -9.73
C ILE D 96 -13.89 10.99 -9.57
N THR D 97 -14.75 9.97 -9.68
CA THR D 97 -16.17 10.17 -9.44
C THR D 97 -16.44 10.63 -8.03
N ASP D 98 -15.66 10.15 -7.06
CA ASP D 98 -15.80 10.64 -5.69
C ASP D 98 -15.48 12.13 -5.61
N VAL D 99 -14.44 12.57 -6.33
CA VAL D 99 -14.10 13.98 -6.35
C VAL D 99 -15.22 14.81 -6.95
N TYR D 100 -15.76 14.37 -8.09
CA TYR D 100 -16.86 15.10 -8.71
C TYR D 100 -18.08 15.14 -7.81
N LEU D 101 -18.36 14.03 -7.14
CA LEU D 101 -19.54 13.95 -6.28
C LEU D 101 -19.39 14.85 -5.06
N LEU D 102 -18.20 14.89 -4.47
CA LEU D 102 -17.94 15.79 -3.36
C LEU D 102 -18.08 17.24 -3.79
N ASN D 103 -17.56 17.57 -4.98
CA ASN D 103 -17.69 18.94 -5.48
C ASN D 103 -19.15 19.30 -5.72
N LEU D 104 -19.94 18.37 -6.27
CA LEU D 104 -21.36 18.64 -6.46
C LEU D 104 -22.08 18.81 -5.13
N ALA D 105 -21.70 18.01 -4.12
CA ALA D 105 -22.30 18.16 -2.80
C ALA D 105 -21.98 19.52 -2.20
N LEU D 106 -20.73 19.97 -2.34
CA LEU D 106 -20.38 21.31 -1.89
C LEU D 106 -21.16 22.38 -2.63
N SER D 107 -21.33 22.19 -3.94
CA SER D 107 -22.10 23.16 -4.72
C SER D 107 -23.55 23.23 -4.26
N ASP D 108 -24.17 22.08 -4.02
CA ASP D 108 -25.55 22.06 -3.54
C ASP D 108 -25.67 22.71 -2.17
N LEU D 109 -24.72 22.42 -1.28
CA LEU D 109 -24.72 23.06 0.04
C LEU D 109 -24.58 24.56 -0.06
N LEU D 110 -23.68 25.03 -0.93
CA LEU D 110 -23.49 26.46 -1.11
C LEU D 110 -24.75 27.11 -1.65
N PHE D 111 -25.42 26.46 -2.60
CA PHE D 111 -26.67 26.98 -3.12
C PHE D 111 -27.73 27.08 -2.02
N VAL D 112 -27.83 26.05 -1.18
CA VAL D 112 -28.91 26.03 -0.20
C VAL D 112 -28.60 26.88 1.02
N PHE D 113 -27.34 27.29 1.21
CA PHE D 113 -27.01 28.14 2.34
C PHE D 113 -27.71 29.49 2.28
N SER D 114 -28.09 29.94 1.09
CA SER D 114 -28.78 31.21 0.94
C SER D 114 -30.27 31.13 1.21
N PHE D 115 -30.81 29.91 1.39
CA PHE D 115 -32.25 29.77 1.63
C PHE D 115 -32.69 30.39 2.94
N PRO D 116 -32.00 30.18 4.09
CA PRO D 116 -32.51 30.76 5.34
C PRO D 116 -32.65 32.27 5.32
N PHE D 117 -31.71 32.96 4.67
CA PHE D 117 -31.79 34.41 4.61
C PHE D 117 -32.96 34.86 3.77
N GLN D 118 -33.25 34.13 2.69
CA GLN D 118 -34.45 34.42 1.91
C GLN D 118 -35.71 34.20 2.73
N THR D 119 -35.74 33.14 3.55
CA THR D 119 -36.91 32.89 4.37
C THR D 119 -37.13 34.03 5.36
N TYR D 120 -36.03 34.52 5.95
CA TYR D 120 -36.17 35.67 6.83
C TYR D 120 -36.65 36.90 6.06
N TYR D 121 -36.17 37.07 4.83
CA TYR D 121 -36.59 38.21 4.03
C TYR D 121 -38.10 38.15 3.75
N LEU D 122 -38.62 36.94 3.51
CA LEU D 122 -40.07 36.81 3.41
C LEU D 122 -40.75 37.12 4.74
N LEU D 123 -40.18 36.63 5.84
CA LEU D 123 -40.79 36.87 7.15
C LEU D 123 -40.73 38.34 7.54
N ASP D 124 -39.56 38.95 7.42
CA ASP D 124 -39.38 40.34 7.82
C ASP D 124 -38.43 41.02 6.85
N GLN D 125 -38.24 42.32 7.05
CA GLN D 125 -37.39 43.10 6.15
C GLN D 125 -35.94 42.64 6.24
N TRP D 126 -35.17 42.96 5.19
CA TRP D 126 -33.76 42.62 5.16
C TRP D 126 -33.01 43.40 6.22
N VAL D 127 -32.18 42.70 7.00
CA VAL D 127 -31.43 43.32 8.09
C VAL D 127 -29.95 42.97 8.06
N PHE D 128 -29.53 42.03 7.21
CA PHE D 128 -28.15 41.55 7.26
C PHE D 128 -27.15 42.52 6.65
N GLY D 129 -27.57 43.46 5.82
CA GLY D 129 -26.65 44.45 5.31
C GLY D 129 -26.21 44.22 3.89
N THR D 130 -25.42 45.17 3.39
CA THR D 130 -25.04 45.18 1.98
C THR D 130 -24.07 44.06 1.65
N VAL D 131 -23.02 43.91 2.45
CA VAL D 131 -21.96 42.97 2.10
C VAL D 131 -22.46 41.54 2.16
N MET D 132 -23.32 41.22 3.14
CA MET D 132 -23.79 39.85 3.20
C MET D 132 -24.86 39.61 2.15
N CYS D 133 -25.56 40.66 1.70
CA CYS D 133 -26.40 40.54 0.51
C CYS D 133 -25.55 40.18 -0.70
N LYS D 134 -24.38 40.82 -0.83
CA LYS D 134 -23.45 40.46 -1.89
C LYS D 134 -23.04 38.99 -1.80
N VAL D 135 -22.68 38.54 -0.60
CA VAL D 135 -22.20 37.16 -0.46
C VAL D 135 -23.34 36.17 -0.63
N VAL D 136 -24.57 36.56 -0.28
CA VAL D 136 -25.71 35.66 -0.49
C VAL D 136 -26.02 35.51 -1.96
N SER D 137 -26.02 36.62 -2.70
CA SER D 137 -26.20 36.54 -4.15
C SER D 137 -25.09 35.72 -4.78
N GLY D 138 -23.86 35.91 -4.30
CA GLY D 138 -22.77 35.08 -4.78
C GLY D 138 -22.96 33.62 -4.46
N PHE D 139 -23.46 33.31 -3.26
CA PHE D 139 -23.73 31.93 -2.91
C PHE D 139 -24.71 31.32 -3.89
N TYR D 140 -25.84 31.99 -4.11
CA TYR D 140 -26.85 31.47 -5.02
C TYR D 140 -26.29 31.25 -6.42
N TYR D 141 -25.61 32.26 -6.95
CA TYR D 141 -25.19 32.21 -8.36
C TYR D 141 -24.01 31.26 -8.57
N ILE D 142 -23.03 31.27 -7.67
CA ILE D 142 -21.93 30.32 -7.76
C ILE D 142 -22.44 28.90 -7.59
N GLY D 143 -23.42 28.71 -6.70
CA GLY D 143 -24.01 27.38 -6.57
C GLY D 143 -24.68 26.92 -7.84
N PHE D 144 -25.46 27.81 -8.48
CA PHE D 144 -26.11 27.47 -9.73
C PHE D 144 -25.09 27.08 -10.79
N TYR D 145 -24.07 27.93 -10.96
CA TYR D 145 -23.09 27.69 -12.02
C TYR D 145 -22.26 26.45 -11.76
N SER D 146 -21.79 26.30 -10.52
CA SER D 146 -20.97 25.13 -10.18
C SER D 146 -21.77 23.85 -10.28
N SER D 147 -23.04 23.87 -9.84
CA SER D 147 -23.86 22.66 -9.94
C SER D 147 -24.03 22.25 -11.40
N MET D 148 -24.36 23.20 -12.28
CA MET D 148 -24.53 22.84 -13.68
C MET D 148 -23.21 22.38 -14.30
N PHE D 149 -22.11 23.05 -13.99
CA PHE D 149 -20.83 22.68 -14.56
C PHE D 149 -20.39 21.30 -14.08
N PHE D 150 -20.66 20.97 -12.81
CA PHE D 150 -20.29 19.67 -12.30
C PHE D 150 -21.19 18.58 -12.87
N ILE D 151 -22.46 18.87 -13.11
CA ILE D 151 -23.33 17.91 -13.78
C ILE D 151 -22.81 17.63 -15.19
N THR D 152 -22.44 18.68 -15.91
CA THR D 152 -21.89 18.49 -17.26
C THR D 152 -20.57 17.73 -17.22
N LEU D 153 -19.72 18.04 -16.24
CA LEU D 153 -18.43 17.37 -16.14
C LEU D 153 -18.59 15.90 -15.78
N MET D 154 -19.59 15.58 -14.95
CA MET D 154 -19.87 14.17 -14.66
C MET D 154 -20.42 13.46 -15.88
N SER D 155 -21.23 14.16 -16.69
CA SER D 155 -21.69 13.56 -17.94
C SER D 155 -20.50 13.24 -18.85
N VAL D 156 -19.54 14.16 -18.95
CA VAL D 156 -18.35 13.92 -19.76
C VAL D 156 -17.54 12.77 -19.19
N ASP D 157 -17.40 12.72 -17.86
CA ASP D 157 -16.64 11.66 -17.23
C ASP D 157 -17.27 10.30 -17.48
N ARG D 158 -18.60 10.20 -17.37
CA ARG D 158 -19.27 8.94 -17.65
C ARG D 158 -19.18 8.59 -19.13
N TYR D 159 -19.23 9.58 -20.01
CA TYR D 159 -19.03 9.33 -21.42
C TYR D 159 -17.66 8.73 -21.69
N LEU D 160 -16.63 9.29 -21.07
CA LEU D 160 -15.29 8.72 -21.21
C LEU D 160 -15.24 7.30 -20.64
N ALA D 161 -15.85 7.09 -19.47
CA ALA D 161 -15.77 5.79 -18.83
C ALA D 161 -16.46 4.72 -19.66
N VAL D 162 -17.57 5.04 -20.30
CA VAL D 162 -18.36 4.04 -21.01
C VAL D 162 -17.93 3.91 -22.46
N VAL D 163 -17.90 5.01 -23.20
CA VAL D 163 -17.64 4.93 -24.64
C VAL D 163 -16.17 4.60 -24.91
N HIS D 164 -15.25 5.29 -24.25
CA HIS D 164 -13.82 5.10 -24.47
C HIS D 164 -13.18 4.58 -23.18
N ALA D 165 -13.26 3.27 -22.98
CA ALA D 165 -12.79 2.70 -21.72
C ALA D 165 -11.27 2.74 -21.62
N VAL D 166 -10.58 2.32 -22.69
CA VAL D 166 -9.12 2.25 -22.66
C VAL D 166 -8.52 3.64 -22.48
N TYR D 167 -9.04 4.62 -23.21
CA TYR D 167 -8.54 5.99 -23.07
C TYR D 167 -8.86 6.55 -21.68
N ALA D 168 -10.07 6.29 -21.18
CA ALA D 168 -10.44 6.75 -19.85
C ALA D 168 -9.60 6.10 -18.76
N LEU D 169 -8.99 4.95 -19.04
CA LEU D 169 -8.05 4.38 -18.08
C LEU D 169 -6.90 5.34 -17.81
N LYS D 170 -6.35 5.96 -18.86
CA LYS D 170 -5.17 6.80 -18.73
C LYS D 170 -5.48 8.28 -18.65
N VAL D 171 -6.74 8.70 -18.81
CA VAL D 171 -7.07 10.11 -18.70
C VAL D 171 -8.00 10.40 -17.51
N ARG D 172 -8.24 9.43 -16.65
CA ARG D 172 -9.12 9.61 -15.49
C ARG D 172 -8.33 9.34 -14.22
N THR D 173 -7.82 10.40 -13.59
CA THR D 173 -7.09 10.30 -12.34
C THR D 173 -7.61 11.35 -11.36
N ILE D 174 -7.21 11.20 -10.10
CA ILE D 174 -7.67 12.12 -9.06
C ILE D 174 -7.14 13.53 -9.32
N ARG D 175 -5.89 13.64 -9.76
CA ARG D 175 -5.30 14.96 -9.99
C ARG D 175 -6.02 15.70 -11.11
N MET D 176 -6.34 15.02 -12.20
CA MET D 176 -7.06 15.66 -13.29
C MET D 176 -8.45 16.10 -12.85
N GLY D 177 -9.12 15.26 -12.06
CA GLY D 177 -10.42 15.65 -11.54
C GLY D 177 -10.36 16.85 -10.64
N THR D 178 -9.35 16.91 -9.77
CA THR D 178 -9.20 18.06 -8.89
C THR D 178 -8.88 19.32 -9.67
N THR D 179 -8.04 19.21 -10.69
CA THR D 179 -7.76 20.37 -11.55
C THR D 179 -9.02 20.87 -12.24
N LEU D 180 -9.81 19.95 -12.78
CA LEU D 180 -11.05 20.36 -13.46
C LEU D 180 -12.05 20.95 -12.48
N CYS D 181 -12.11 20.42 -11.25
CA CYS D 181 -13.02 20.99 -10.25
C CYS D 181 -12.59 22.39 -9.86
N LEU D 182 -11.29 22.62 -9.67
CA LEU D 182 -10.81 23.97 -9.37
C LEU D 182 -11.09 24.91 -10.53
N ALA D 183 -10.94 24.43 -11.77
CA ALA D 183 -11.26 25.25 -12.93
C ALA D 183 -12.74 25.60 -12.95
N VAL D 184 -13.60 24.65 -12.61
CA VAL D 184 -15.03 24.89 -12.57
C VAL D 184 -15.38 25.93 -11.52
N TRP D 185 -14.77 25.81 -10.33
CA TRP D 185 -15.05 26.78 -9.28
C TRP D 185 -14.58 28.18 -9.68
N LEU D 186 -13.40 28.28 -10.28
CA LEU D 186 -12.92 29.58 -10.75
C LEU D 186 -13.84 30.16 -11.82
N THR D 187 -14.30 29.31 -12.75
CA THR D 187 -15.21 29.77 -13.79
C THR D 187 -16.52 30.26 -13.18
N ALA D 188 -17.03 29.55 -12.17
CA ALA D 188 -18.25 29.99 -11.50
C ALA D 188 -18.06 31.34 -10.83
N ILE D 189 -16.94 31.53 -10.14
CA ILE D 189 -16.68 32.81 -9.48
C ILE D 189 -16.61 33.92 -10.52
N MET D 190 -15.93 33.65 -11.64
CA MET D 190 -15.83 34.66 -12.69
C MET D 190 -17.20 35.00 -13.26
N ALA D 191 -18.05 33.99 -13.45
CA ALA D 191 -19.38 34.22 -14.01
C ALA D 191 -20.27 35.00 -13.06
N THR D 192 -20.12 34.78 -11.74
CA THR D 192 -20.97 35.50 -10.80
C THR D 192 -20.38 36.84 -10.39
N ILE D 193 -19.14 37.14 -10.78
CA ILE D 193 -18.59 38.48 -10.54
C ILE D 193 -19.48 39.58 -11.13
N PRO D 194 -19.91 39.52 -12.38
CA PRO D 194 -20.76 40.62 -12.91
C PRO D 194 -22.05 40.83 -12.13
N LEU D 195 -22.69 39.75 -11.68
CA LEU D 195 -23.99 39.88 -11.01
C LEU D 195 -23.88 40.49 -9.62
N LEU D 196 -22.74 40.31 -8.95
CA LEU D 196 -22.61 40.79 -7.58
C LEU D 196 -22.57 42.31 -7.52
N VAL D 197 -22.01 42.96 -8.55
CA VAL D 197 -21.78 44.39 -8.48
C VAL D 197 -23.09 45.18 -8.45
N PHE D 198 -24.20 44.57 -8.88
CA PHE D 198 -25.47 45.27 -8.91
C PHE D 198 -26.38 44.93 -7.75
N TYR D 199 -26.01 43.97 -6.89
CA TYR D 199 -26.89 43.55 -5.81
C TYR D 199 -26.74 44.50 -4.63
N GLN D 200 -27.66 45.44 -4.52
CA GLN D 200 -27.59 46.52 -3.54
C GLN D 200 -28.86 46.54 -2.70
N VAL D 201 -28.70 46.65 -1.39
CA VAL D 201 -29.85 46.80 -0.50
C VAL D 201 -30.44 48.19 -0.69
N ALA D 202 -31.77 48.29 -0.56
CA ALA D 202 -32.45 49.56 -0.74
C ALA D 202 -33.77 49.54 0.01
N SER D 203 -34.24 50.73 0.36
CA SER D 203 -35.50 50.89 1.07
C SER D 203 -36.60 51.22 0.09
N GLU D 204 -37.45 50.24 -0.22
CA GLU D 204 -38.60 50.42 -1.09
C GLU D 204 -39.86 50.30 -0.26
N ASP D 205 -40.69 51.34 -0.29
CA ASP D 205 -41.92 51.40 0.49
C ASP D 205 -41.67 51.17 1.98
N GLY D 206 -40.52 51.64 2.47
CA GLY D 206 -40.15 51.46 3.86
C GLY D 206 -39.62 50.09 4.22
N VAL D 207 -39.42 49.21 3.24
CA VAL D 207 -38.95 47.85 3.50
C VAL D 207 -37.59 47.69 2.85
N LEU D 208 -36.64 47.17 3.61
CA LEU D 208 -35.29 46.93 3.09
C LEU D 208 -35.28 45.65 2.27
N GLN D 209 -34.80 45.74 1.04
CA GLN D 209 -34.75 44.61 0.12
C GLN D 209 -33.38 44.57 -0.55
N CYS D 210 -32.85 43.36 -0.71
CA CYS D 210 -31.58 43.16 -1.40
C CYS D 210 -31.88 42.61 -2.80
N TYR D 211 -31.59 43.41 -3.82
CA TYR D 211 -31.92 43.05 -5.19
C TYR D 211 -30.92 43.70 -6.13
N SER D 212 -30.95 43.27 -7.39
CA SER D 212 -30.04 43.79 -8.41
C SER D 212 -30.63 45.08 -8.96
N PHE D 213 -30.16 46.21 -8.44
CA PHE D 213 -30.62 47.51 -8.89
C PHE D 213 -30.06 47.76 -10.29
N TYR D 214 -30.94 48.07 -11.23
CA TYR D 214 -30.53 48.49 -12.56
C TYR D 214 -31.21 49.81 -12.91
N ASN D 215 -30.40 50.85 -13.07
CA ASN D 215 -30.92 52.14 -13.46
C ASN D 215 -31.41 52.09 -14.91
N GLN D 216 -32.09 53.15 -15.33
CA GLN D 216 -32.64 53.20 -16.68
C GLN D 216 -31.57 53.01 -17.75
N GLN D 217 -30.33 53.40 -17.47
CA GLN D 217 -29.24 53.22 -18.42
C GLN D 217 -28.56 51.86 -18.30
N THR D 218 -28.70 51.18 -17.17
CA THR D 218 -28.06 49.89 -16.94
C THR D 218 -28.97 48.72 -17.23
N LEU D 219 -30.14 48.96 -17.84
CA LEU D 219 -31.06 47.88 -18.15
C LEU D 219 -30.44 46.88 -19.13
N LYS D 220 -29.48 47.33 -19.94
CA LYS D 220 -28.81 46.44 -20.87
C LYS D 220 -28.01 45.37 -20.15
N TRP D 221 -27.47 45.71 -18.98
CA TRP D 221 -26.67 44.75 -18.24
C TRP D 221 -27.53 43.69 -17.56
N LYS D 222 -28.77 44.06 -17.20
CA LYS D 222 -29.68 43.07 -16.64
C LYS D 222 -30.08 42.04 -17.68
N ILE D 223 -30.42 42.48 -18.89
CA ILE D 223 -30.84 41.54 -19.92
C ILE D 223 -29.68 40.67 -20.38
N PHE D 224 -28.47 41.25 -20.44
CA PHE D 224 -27.31 40.46 -20.83
C PHE D 224 -27.00 39.41 -19.78
N THR D 225 -27.10 39.78 -18.50
CA THR D 225 -26.85 38.82 -17.44
C THR D 225 -27.95 37.77 -17.36
N ASN D 226 -29.11 38.04 -17.95
CA ASN D 226 -30.16 37.04 -18.02
C ASN D 226 -29.90 36.01 -19.11
N PHE D 227 -29.43 36.47 -20.28
CA PHE D 227 -29.12 35.55 -21.36
C PHE D 227 -27.88 34.72 -21.04
N LYS D 228 -26.98 35.24 -20.21
CA LYS D 228 -25.81 34.47 -19.82
C LYS D 228 -26.21 33.28 -18.96
N MET D 229 -27.23 33.45 -18.12
CA MET D 229 -27.74 32.31 -17.36
C MET D 229 -28.37 31.28 -18.29
N ASN D 230 -28.76 31.69 -19.49
CA ASN D 230 -29.41 30.82 -20.45
C ASN D 230 -28.43 30.11 -21.38
N ILE D 231 -27.62 30.87 -22.11
CA ILE D 231 -26.73 30.26 -23.10
C ILE D 231 -25.52 29.61 -22.44
N LEU D 232 -25.11 30.13 -21.29
CA LEU D 232 -23.96 29.60 -20.57
C LEU D 232 -24.38 28.69 -19.42
N GLY D 233 -25.60 28.85 -18.90
CA GLY D 233 -26.09 27.98 -17.85
C GLY D 233 -26.80 26.76 -18.37
N LEU D 234 -27.52 26.87 -19.49
CA LEU D 234 -28.27 25.76 -20.04
C LEU D 234 -27.75 25.31 -21.40
N LEU D 235 -27.68 26.20 -22.38
CA LEU D 235 -27.44 25.78 -23.76
C LEU D 235 -26.11 25.08 -23.92
N ILE D 236 -25.03 25.72 -23.47
CA ILE D 236 -23.71 25.09 -23.55
C ILE D 236 -23.62 23.86 -22.66
N PRO D 237 -24.02 23.89 -21.39
CA PRO D 237 -23.89 22.68 -20.56
C PRO D 237 -24.77 21.53 -21.02
N PHE D 238 -26.05 21.79 -21.30
CA PHE D 238 -26.97 20.70 -21.63
C PHE D 238 -26.71 20.12 -23.01
N THR D 239 -26.10 20.87 -23.93
CA THR D 239 -25.69 20.27 -25.19
C THR D 239 -24.63 19.19 -24.94
N ILE D 240 -23.66 19.48 -24.07
CA ILE D 240 -22.68 18.48 -23.68
C ILE D 240 -23.34 17.40 -22.83
N PHE D 241 -24.24 17.81 -21.94
CA PHE D 241 -24.96 16.85 -21.10
C PHE D 241 -25.78 15.89 -21.94
N MET D 242 -26.48 16.40 -22.94
CA MET D 242 -27.33 15.55 -23.78
C MET D 242 -26.50 14.63 -24.65
N PHE D 243 -25.49 15.18 -25.33
CA PHE D 243 -24.68 14.39 -26.24
C PHE D 243 -23.99 13.24 -25.51
N CYS D 244 -23.48 13.50 -24.31
CA CYS D 244 -22.75 12.47 -23.59
C CYS D 244 -23.65 11.31 -23.18
N TYR D 245 -24.89 11.59 -22.77
CA TYR D 245 -25.76 10.53 -22.27
C TYR D 245 -26.49 9.79 -23.39
N ILE D 246 -26.74 10.44 -24.53
CA ILE D 246 -27.29 9.72 -25.66
C ILE D 246 -26.31 8.67 -26.15
N LYS D 247 -25.02 9.01 -26.23
CA LYS D 247 -24.03 8.05 -26.68
C LYS D 247 -23.80 6.95 -25.65
N ILE D 248 -23.95 7.26 -24.35
CA ILE D 248 -23.88 6.21 -23.34
C ILE D 248 -25.03 5.23 -23.54
N LEU D 249 -26.23 5.74 -23.80
CA LEU D 249 -27.38 4.87 -24.00
C LEU D 249 -27.21 4.00 -25.23
N HIS D 250 -26.69 4.57 -26.32
CA HIS D 250 -26.44 3.78 -27.53
C HIS D 250 -25.42 2.69 -27.27
N GLN D 251 -24.36 3.01 -26.52
CA GLN D 251 -23.34 2.01 -26.21
C GLN D 251 -23.89 0.92 -25.30
N LEU D 252 -24.73 1.29 -24.33
CA LEU D 252 -25.22 0.30 -23.37
C LEU D 252 -26.20 -0.68 -24.02
N LYS D 253 -26.98 -0.22 -25.00
CA LYS D 253 -27.89 -1.12 -25.69
C LYS D 253 -27.12 -2.23 -26.42
N ARG D 254 -26.02 -1.87 -27.08
CA ARG D 254 -25.17 -2.85 -27.76
C ARG D 254 -24.05 -3.25 -26.80
N CYS D 255 -24.42 -4.02 -25.78
CA CYS D 255 -23.48 -4.49 -24.77
C CYS D 255 -23.99 -5.81 -24.21
N GLN D 256 -23.04 -6.65 -23.80
CA GLN D 256 -23.34 -7.97 -23.24
C GLN D 256 -23.01 -7.93 -21.75
N ASN D 257 -24.02 -7.63 -20.94
CA ASN D 257 -23.85 -7.56 -19.50
C ASN D 257 -25.21 -7.61 -18.84
N HIS D 258 -25.21 -7.81 -17.52
CA HIS D 258 -26.41 -7.74 -16.71
C HIS D 258 -26.60 -6.37 -16.08
N ASN D 259 -25.56 -5.55 -16.04
CA ASN D 259 -25.64 -4.20 -15.51
C ASN D 259 -26.11 -3.18 -16.54
N LYS D 260 -26.34 -3.61 -17.78
CA LYS D 260 -26.75 -2.66 -18.81
C LYS D 260 -28.12 -2.06 -18.55
N THR D 261 -29.09 -2.88 -18.12
CA THR D 261 -30.45 -2.38 -17.92
C THR D 261 -30.51 -1.36 -16.78
N LYS D 262 -29.81 -1.66 -15.68
CA LYS D 262 -29.78 -0.72 -14.56
C LYS D 262 -29.14 0.59 -14.96
N ALA D 263 -28.04 0.53 -15.71
CA ALA D 263 -27.37 1.75 -16.14
C ALA D 263 -28.24 2.56 -17.10
N ILE D 264 -28.97 1.87 -17.99
CA ILE D 264 -29.89 2.57 -18.88
C ILE D 264 -30.96 3.29 -18.08
N ARG D 265 -31.55 2.59 -17.10
CA ARG D 265 -32.59 3.21 -16.29
C ARG D 265 -32.05 4.41 -15.52
N LEU D 266 -30.87 4.28 -14.93
CA LEU D 266 -30.31 5.37 -14.15
C LEU D 266 -29.93 6.56 -15.04
N VAL D 267 -29.41 6.29 -16.24
CA VAL D 267 -29.10 7.37 -17.17
C VAL D 267 -30.37 8.13 -17.54
N LEU D 268 -31.44 7.40 -17.85
CA LEU D 268 -32.70 8.06 -18.18
C LEU D 268 -33.23 8.86 -16.99
N ILE D 269 -33.09 8.31 -15.78
CA ILE D 269 -33.54 9.03 -14.60
C ILE D 269 -32.77 10.34 -14.45
N VAL D 270 -31.44 10.28 -14.63
CA VAL D 270 -30.62 11.49 -14.55
C VAL D 270 -31.07 12.52 -15.59
N VAL D 271 -31.26 12.07 -16.83
CA VAL D 271 -31.56 12.98 -17.92
C VAL D 271 -32.90 13.67 -17.69
N ILE D 272 -33.94 12.88 -17.39
CA ILE D 272 -35.27 13.47 -17.17
C ILE D 272 -35.28 14.35 -15.94
N ALA D 273 -34.62 13.94 -14.86
CA ALA D 273 -34.58 14.77 -13.66
C ALA D 273 -33.93 16.12 -13.96
N SER D 274 -32.77 16.11 -14.61
CA SER D 274 -32.08 17.36 -14.91
C SER D 274 -32.92 18.24 -15.83
N LEU D 275 -33.54 17.65 -16.85
CA LEU D 275 -34.33 18.44 -17.79
C LEU D 275 -35.52 19.08 -17.10
N LEU D 276 -36.32 18.29 -16.38
CA LEU D 276 -37.48 18.85 -15.69
C LEU D 276 -37.08 19.87 -14.63
N PHE D 277 -35.90 19.75 -14.03
CA PHE D 277 -35.49 20.74 -13.06
C PHE D 277 -35.06 22.04 -13.72
N TRP D 278 -34.29 21.95 -14.81
CA TRP D 278 -33.56 23.11 -15.31
C TRP D 278 -34.16 23.76 -16.54
N VAL D 279 -35.09 23.11 -17.23
CA VAL D 279 -35.67 23.67 -18.45
C VAL D 279 -36.74 24.71 -18.13
N PRO D 280 -37.73 24.44 -17.28
CA PRO D 280 -38.72 25.49 -16.99
C PRO D 280 -38.11 26.75 -16.40
N PHE D 281 -37.09 26.57 -15.54
CA PHE D 281 -36.35 27.69 -14.98
C PHE D 281 -35.84 28.62 -16.08
N ASN D 282 -35.13 28.05 -17.05
CA ASN D 282 -34.50 28.86 -18.08
C ASN D 282 -35.52 29.35 -19.11
N VAL D 283 -36.60 28.59 -19.32
CA VAL D 283 -37.66 29.07 -20.21
C VAL D 283 -38.31 30.31 -19.65
N VAL D 284 -38.60 30.32 -18.34
CA VAL D 284 -39.22 31.51 -17.76
C VAL D 284 -38.20 32.63 -17.68
N LEU D 285 -36.91 32.29 -17.53
CA LEU D 285 -35.86 33.30 -17.71
C LEU D 285 -35.94 33.96 -19.08
N PHE D 286 -36.03 33.17 -20.14
CA PHE D 286 -36.07 33.73 -21.48
C PHE D 286 -37.31 34.59 -21.67
N LEU D 287 -38.45 34.11 -21.17
CA LEU D 287 -39.68 34.89 -21.28
C LEU D 287 -39.58 36.20 -20.50
N THR D 288 -38.97 36.17 -19.32
CA THR D 288 -38.78 37.38 -18.53
C THR D 288 -37.87 38.36 -19.25
N SER D 289 -36.79 37.86 -19.87
CA SER D 289 -35.92 38.73 -20.63
C SER D 289 -36.67 39.37 -21.80
N LEU D 290 -37.51 38.59 -22.48
CA LEU D 290 -38.32 39.14 -23.57
C LEU D 290 -39.28 40.21 -23.06
N HIS D 291 -39.89 39.96 -21.90
CA HIS D 291 -40.79 40.95 -21.30
C HIS D 291 -40.05 42.23 -20.95
N SER D 292 -38.85 42.10 -20.39
CA SER D 292 -38.03 43.27 -20.10
C SER D 292 -37.62 44.01 -21.37
N MET D 293 -37.44 43.28 -22.48
CA MET D 293 -37.22 43.90 -23.78
C MET D 293 -38.49 44.50 -24.36
N HIS D 294 -39.58 44.50 -23.60
CA HIS D 294 -40.89 45.02 -24.00
C HIS D 294 -41.51 44.25 -25.16
N ILE D 295 -40.90 43.13 -25.56
CA ILE D 295 -41.48 42.33 -26.64
C ILE D 295 -42.82 41.74 -26.22
N LEU D 296 -42.88 41.19 -25.00
CA LEU D 296 -44.10 40.64 -24.43
C LEU D 296 -44.48 41.49 -23.23
N ASP D 297 -45.44 42.40 -23.41
CA ASP D 297 -45.84 43.34 -22.38
C ASP D 297 -47.30 43.12 -22.02
N GLY D 298 -47.61 43.24 -20.72
CA GLY D 298 -48.95 43.09 -20.22
C GLY D 298 -49.00 42.87 -18.72
N CYS D 299 -49.97 43.50 -18.05
CA CYS D 299 -50.08 43.37 -16.61
C CYS D 299 -50.39 41.93 -16.21
N SER D 300 -51.38 41.32 -16.88
CA SER D 300 -51.64 39.90 -16.64
C SER D 300 -50.43 39.07 -17.03
N ILE D 301 -49.75 39.44 -18.12
CA ILE D 301 -48.52 38.75 -18.49
C ILE D 301 -47.49 38.89 -17.39
N SER D 302 -47.35 40.09 -16.82
CA SER D 302 -46.37 40.29 -15.75
C SER D 302 -46.68 39.40 -14.55
N GLN D 303 -47.96 39.36 -14.15
CA GLN D 303 -48.33 38.53 -13.00
C GLN D 303 -48.08 37.05 -13.29
N GLN D 304 -48.43 36.60 -14.50
CA GLN D 304 -48.21 35.19 -14.83
C GLN D 304 -46.74 34.85 -14.84
N LEU D 305 -45.90 35.75 -15.36
CA LEU D 305 -44.45 35.52 -15.33
C LEU D 305 -43.90 35.50 -13.91
N THR D 306 -44.43 36.33 -13.02
CA THR D 306 -43.98 36.28 -11.62
C THR D 306 -44.35 34.95 -10.97
N TYR D 307 -45.59 34.49 -11.20
CA TYR D 307 -46.01 33.22 -10.62
C TYR D 307 -45.20 32.07 -11.18
N ALA D 308 -44.97 32.07 -12.50
CA ALA D 308 -44.13 31.05 -13.10
C ALA D 308 -42.71 31.14 -12.58
N THR D 309 -42.22 32.35 -12.33
CA THR D 309 -40.91 32.54 -11.72
C THR D 309 -40.82 31.80 -10.39
N HIS D 310 -41.81 31.99 -9.52
CA HIS D 310 -41.76 31.34 -8.21
C HIS D 310 -41.84 29.82 -8.34
N VAL D 311 -42.81 29.32 -9.11
CA VAL D 311 -43.00 27.88 -9.18
C VAL D 311 -41.81 27.21 -9.85
N THR D 312 -41.24 27.85 -10.87
CA THR D 312 -40.10 27.29 -11.56
C THR D 312 -38.82 27.41 -10.75
N GLU D 313 -38.72 28.41 -9.85
CA GLU D 313 -37.62 28.39 -8.90
C GLU D 313 -37.71 27.19 -7.97
N ILE D 314 -38.92 26.89 -7.49
CA ILE D 314 -39.08 25.73 -6.60
C ILE D 314 -38.71 24.44 -7.33
N ILE D 315 -39.22 24.29 -8.56
CA ILE D 315 -38.89 23.10 -9.36
C ILE D 315 -37.41 23.09 -9.73
N SER D 316 -36.82 24.28 -9.79
CA SER D 316 -35.39 24.39 -10.20
C SER D 316 -34.46 23.88 -9.08
N PHE D 317 -34.50 24.49 -7.89
CA PHE D 317 -33.52 24.11 -6.84
C PHE D 317 -33.89 22.80 -6.15
N THR D 318 -35.12 22.30 -6.31
CA THR D 318 -35.45 20.96 -5.73
C THR D 318 -34.28 20.03 -6.06
N HIS D 319 -33.50 20.37 -7.08
CA HIS D 319 -32.33 19.59 -7.47
C HIS D 319 -31.35 19.43 -6.32
N CYS D 320 -31.23 20.42 -5.43
CA CYS D 320 -30.25 20.33 -4.36
C CYS D 320 -30.55 19.19 -3.40
N CYS D 321 -31.79 18.69 -3.41
CA CYS D 321 -32.13 17.51 -2.62
C CYS D 321 -32.35 16.27 -3.47
N VAL D 322 -32.62 16.41 -4.76
CA VAL D 322 -32.80 15.21 -5.59
C VAL D 322 -31.46 14.69 -6.11
N ASN D 323 -30.50 15.57 -6.37
CA ASN D 323 -29.21 15.15 -6.91
C ASN D 323 -28.47 14.12 -6.06
N PRO D 324 -28.42 14.24 -4.73
CA PRO D 324 -27.82 13.15 -3.94
C PRO D 324 -28.49 11.80 -4.19
N VAL D 325 -29.82 11.73 -4.06
CA VAL D 325 -30.51 10.45 -4.20
C VAL D 325 -30.43 9.88 -5.60
N ILE D 326 -29.90 10.62 -6.56
CA ILE D 326 -29.78 10.17 -7.94
C ILE D 326 -28.33 9.82 -8.29
N TYR D 327 -27.37 10.59 -7.77
CA TYR D 327 -25.97 10.36 -8.11
C TYR D 327 -25.24 9.47 -7.12
N ALA D 328 -25.60 9.50 -5.84
CA ALA D 328 -24.92 8.70 -4.82
C ALA D 328 -25.84 7.66 -4.20
N PHE D 329 -26.98 8.06 -3.64
CA PHE D 329 -27.75 7.17 -2.78
C PHE D 329 -28.21 5.93 -3.54
N VAL D 330 -28.68 6.11 -4.76
CA VAL D 330 -28.86 4.98 -5.66
C VAL D 330 -27.51 4.67 -6.32
N GLY D 331 -27.18 3.39 -6.43
CA GLY D 331 -25.86 2.99 -6.84
C GLY D 331 -25.19 2.11 -5.80
N GLU D 332 -24.62 0.99 -6.24
CA GLU D 332 -24.23 -0.07 -5.30
C GLU D 332 -23.11 0.38 -4.37
N LYS D 333 -22.14 1.14 -4.88
CA LYS D 333 -20.96 1.47 -4.08
C LYS D 333 -21.32 2.32 -2.87
N PHE D 334 -22.23 3.27 -3.04
CA PHE D 334 -22.60 4.13 -1.92
C PHE D 334 -23.45 3.37 -0.91
N LYS D 335 -24.30 2.47 -1.39
CA LYS D 335 -25.05 1.62 -0.46
C LYS D 335 -24.10 0.73 0.35
N LYS D 336 -23.06 0.20 -0.30
CA LYS D 336 -22.09 -0.62 0.42
C LYS D 336 -21.34 0.21 1.45
N HIS D 337 -20.95 1.44 1.09
CA HIS D 337 -20.28 2.31 2.05
C HIS D 337 -21.19 2.64 3.23
N LEU D 338 -22.46 2.91 2.95
CA LEU D 338 -23.41 3.21 4.02
C LEU D 338 -23.62 1.99 4.92
N SER D 339 -23.70 0.80 4.33
CA SER D 339 -23.83 -0.41 5.13
C SER D 339 -22.60 -0.64 6.00
N GLU D 340 -21.42 -0.37 5.46
CA GLU D 340 -20.20 -0.49 6.26
C GLU D 340 -20.19 0.50 7.40
N ILE D 341 -20.64 1.73 7.15
CA ILE D 341 -20.71 2.73 8.22
C ILE D 341 -21.71 2.32 9.28
N PHE D 342 -22.88 1.83 8.86
CA PHE D 342 -23.91 1.41 9.80
C PHE D 342 -23.44 0.23 10.64
N GLN D 343 -22.72 -0.71 10.03
CA GLN D 343 -22.21 -1.85 10.79
C GLN D 343 -21.24 -1.42 11.87
N LYS D 344 -20.38 -0.45 11.58
CA LYS D 344 -19.42 0.04 12.56
C LYS D 344 -20.12 0.92 13.60
N VAL E 40 33.51 3.18 -6.80
CA VAL E 40 32.96 4.52 -6.62
C VAL E 40 34.01 5.57 -6.95
N GLN E 41 33.68 6.48 -7.86
CA GLN E 41 34.56 7.59 -8.21
C GLN E 41 33.76 8.89 -8.21
N LEU E 42 34.42 9.97 -7.82
CA LEU E 42 33.82 11.30 -7.75
C LEU E 42 34.76 12.33 -8.36
N VAL E 43 35.29 12.02 -9.55
CA VAL E 43 36.27 12.90 -10.18
C VAL E 43 35.62 14.22 -10.55
N GLU E 44 36.33 15.31 -10.28
CA GLU E 44 35.84 16.65 -10.55
C GLU E 44 36.75 17.35 -11.56
N SER E 45 36.18 18.32 -12.27
CA SER E 45 36.87 18.99 -13.35
C SER E 45 36.60 20.49 -13.29
N GLY E 46 37.49 21.25 -13.91
CA GLY E 46 37.40 22.70 -13.89
C GLY E 46 38.65 23.32 -13.33
N GLY E 47 38.50 24.37 -12.52
CA GLY E 47 39.63 24.99 -11.89
C GLY E 47 40.45 25.84 -12.85
N GLY E 48 41.59 26.29 -12.37
CA GLY E 48 42.50 27.11 -13.14
C GLY E 48 42.62 28.50 -12.56
N LEU E 49 43.29 29.37 -13.31
CA LEU E 49 43.53 30.74 -12.91
C LEU E 49 42.48 31.65 -13.54
N VAL E 50 41.72 32.35 -12.70
CA VAL E 50 40.62 33.19 -13.14
C VAL E 50 40.83 34.61 -12.62
N GLN E 51 40.60 35.59 -13.49
CA GLN E 51 40.68 36.97 -13.05
C GLN E 51 39.48 37.32 -12.17
N PRO E 52 39.68 38.17 -11.17
CA PRO E 52 38.58 38.49 -10.24
C PRO E 52 37.41 39.14 -10.95
N GLY E 53 36.21 38.88 -10.45
CA GLY E 53 35.00 39.36 -11.08
C GLY E 53 34.48 38.50 -12.21
N GLY E 54 35.12 37.36 -12.47
CA GLY E 54 34.74 36.48 -13.57
C GLY E 54 33.70 35.46 -13.16
N SER E 55 33.70 34.34 -13.88
CA SER E 55 32.75 33.27 -13.65
C SER E 55 33.34 31.96 -14.17
N ARG E 56 33.01 30.86 -13.50
CA ARG E 56 33.49 29.55 -13.90
C ARG E 56 32.39 28.52 -13.67
N LYS E 57 32.62 27.31 -14.18
CA LYS E 57 31.72 26.19 -13.97
C LYS E 57 32.54 25.00 -13.50
N LEU E 58 32.34 24.60 -12.25
CA LEU E 58 33.01 23.44 -11.69
C LEU E 58 32.12 22.21 -11.88
N SER E 59 32.69 21.16 -12.47
CA SER E 59 31.95 19.95 -12.80
C SER E 59 32.47 18.78 -11.98
N CYS E 60 31.55 17.97 -11.45
CA CYS E 60 31.86 16.81 -10.64
C CYS E 60 31.18 15.60 -11.28
N SER E 61 31.97 14.72 -11.87
CA SER E 61 31.46 13.52 -12.52
C SER E 61 31.44 12.37 -11.54
N ALA E 62 30.33 11.65 -11.49
CA ALA E 62 30.13 10.56 -10.53
C ALA E 62 29.90 9.25 -11.28
N SER E 63 30.54 8.18 -10.79
CA SER E 63 30.39 6.87 -11.38
C SER E 63 30.56 5.82 -10.29
N GLY E 64 29.82 4.73 -10.42
CA GLY E 64 29.90 3.63 -9.49
C GLY E 64 28.88 3.64 -8.37
N PHE E 65 27.92 4.55 -8.39
CA PHE E 65 26.88 4.60 -7.36
C PHE E 65 25.69 5.37 -7.90
N ALA E 66 24.56 5.23 -7.22
CA ALA E 66 23.32 5.88 -7.62
C ALA E 66 23.41 7.36 -7.29
N PHE E 67 23.39 8.21 -8.32
CA PHE E 67 23.43 9.65 -8.11
C PHE E 67 22.11 10.17 -7.54
N SER E 68 20.99 9.70 -8.08
CA SER E 68 19.70 10.30 -7.76
C SER E 68 19.36 10.16 -6.28
N SER E 69 19.77 9.07 -5.65
CA SER E 69 19.46 8.84 -4.24
C SER E 69 20.42 9.55 -3.30
N PHE E 70 21.44 10.20 -3.81
CA PHE E 70 22.49 10.80 -3.00
C PHE E 70 22.44 12.31 -3.10
N GLY E 71 22.39 12.99 -1.94
CA GLY E 71 22.58 14.42 -1.92
C GLY E 71 24.03 14.79 -2.11
N MET E 72 24.27 16.03 -2.53
CA MET E 72 25.62 16.45 -2.90
C MET E 72 25.99 17.75 -2.22
N HIS E 73 27.28 17.87 -1.89
CA HIS E 73 27.85 19.04 -1.24
C HIS E 73 29.12 19.45 -1.94
N TRP E 74 29.44 20.74 -1.85
CA TRP E 74 30.71 21.29 -2.27
C TRP E 74 31.43 21.84 -1.03
N VAL E 75 32.69 21.45 -0.84
CA VAL E 75 33.46 21.89 0.31
C VAL E 75 34.79 22.44 -0.18
N ARG E 76 35.12 23.66 0.23
CA ARG E 76 36.34 24.34 -0.19
C ARG E 76 37.54 23.87 0.63
N GLN E 77 38.73 24.14 0.11
CA GLN E 77 39.98 23.96 0.85
C GLN E 77 40.95 25.05 0.44
N ALA E 78 41.17 26.01 1.31
CA ALA E 78 42.12 27.08 1.04
C ALA E 78 43.52 26.49 0.93
N PRO E 79 44.45 27.19 0.28
CA PRO E 79 45.77 26.60 0.01
C PRO E 79 46.49 26.08 1.24
N GLU E 80 46.32 26.71 2.40
CA GLU E 80 46.94 26.23 3.62
C GLU E 80 46.01 26.33 4.81
N LYS E 81 44.70 26.15 4.59
CA LYS E 81 43.74 26.30 5.68
C LYS E 81 42.75 25.14 5.72
N GLY E 82 41.72 25.28 6.55
CA GLY E 82 40.77 24.22 6.77
C GLY E 82 39.66 24.17 5.73
N LEU E 83 38.64 23.39 6.04
CA LEU E 83 37.52 23.15 5.15
C LEU E 83 36.31 23.97 5.58
N GLU E 84 35.58 24.46 4.58
CA GLU E 84 34.38 25.26 4.84
C GLU E 84 33.31 24.83 3.85
N TRP E 85 32.11 24.55 4.37
CA TRP E 85 31.01 24.13 3.51
C TRP E 85 30.57 25.28 2.61
N VAL E 86 30.24 24.94 1.37
CA VAL E 86 29.90 25.93 0.34
C VAL E 86 28.44 25.84 -0.07
N ALA E 87 28.03 24.68 -0.60
CA ALA E 87 26.68 24.52 -1.11
C ALA E 87 26.26 23.07 -1.02
N TYR E 88 24.94 22.86 -1.06
CA TYR E 88 24.36 21.53 -0.93
C TYR E 88 23.04 21.46 -1.68
N ILE E 89 22.80 20.33 -2.35
CA ILE E 89 21.52 20.04 -2.96
C ILE E 89 21.08 18.65 -2.54
N SER E 90 19.79 18.50 -2.28
CA SER E 90 19.23 17.24 -1.80
C SER E 90 18.94 16.32 -2.99
N SER E 91 18.47 15.11 -2.68
CA SER E 91 18.05 14.18 -3.72
C SER E 91 16.83 14.73 -4.44
N GLY E 92 16.88 14.70 -5.77
CA GLY E 92 15.79 15.25 -6.56
C GLY E 92 15.76 16.75 -6.61
N SER E 93 16.85 17.42 -6.21
CA SER E 93 16.97 18.87 -6.24
C SER E 93 15.87 19.56 -5.42
N GLY E 94 15.41 18.91 -4.35
CA GLY E 94 14.33 19.46 -3.57
C GLY E 94 14.73 20.73 -2.82
N THR E 95 15.86 20.67 -2.12
CA THR E 95 16.32 21.78 -1.30
C THR E 95 17.74 22.14 -1.67
N ILE E 96 18.03 23.44 -1.73
CA ILE E 96 19.35 23.95 -2.04
C ILE E 96 19.76 24.88 -0.91
N TYR E 97 20.95 24.65 -0.35
CA TYR E 97 21.49 25.48 0.71
C TYR E 97 22.85 26.01 0.30
N TYR E 98 23.14 27.24 0.71
CA TYR E 98 24.44 27.87 0.46
C TYR E 98 24.98 28.43 1.76
N ALA E 99 26.30 28.56 1.82
CA ALA E 99 26.94 29.22 2.94
C ALA E 99 26.68 30.72 2.87
N ASP E 100 26.80 31.38 4.02
CA ASP E 100 26.52 32.81 4.09
C ASP E 100 27.51 33.60 3.24
N THR E 101 28.78 33.20 3.24
CA THR E 101 29.81 33.93 2.51
C THR E 101 29.74 33.71 1.01
N VAL E 102 28.86 32.83 0.54
CA VAL E 102 28.82 32.50 -0.88
C VAL E 102 27.39 32.62 -1.41
N LYS E 103 26.51 33.21 -0.61
CA LYS E 103 25.12 33.34 -1.02
C LYS E 103 24.96 34.34 -2.15
N GLY E 104 24.02 34.06 -3.04
CA GLY E 104 23.76 34.96 -4.16
C GLY E 104 24.65 34.77 -5.36
N ARG E 105 25.96 34.64 -5.15
CA ARG E 105 26.92 34.57 -6.28
C ARG E 105 26.95 33.16 -6.89
N PHE E 106 27.02 32.12 -6.07
CA PHE E 106 27.15 30.75 -6.56
C PHE E 106 25.76 30.16 -6.83
N THR E 107 25.72 29.20 -7.74
CA THR E 107 24.51 28.42 -7.98
C THR E 107 24.91 26.97 -8.24
N ILE E 108 24.40 26.06 -7.41
CA ILE E 108 24.71 24.64 -7.49
C ILE E 108 23.53 23.91 -8.09
N SER E 109 23.81 22.97 -9.00
CA SER E 109 22.77 22.23 -9.68
C SER E 109 23.28 20.82 -9.96
N ARG E 110 22.38 19.95 -10.39
CA ARG E 110 22.72 18.56 -10.67
C ARG E 110 22.02 18.12 -11.95
N ASP E 111 22.62 17.15 -12.63
CA ASP E 111 22.03 16.48 -13.78
C ASP E 111 22.01 14.99 -13.45
N ASP E 112 20.85 14.52 -13.00
CA ASP E 112 20.69 13.10 -12.67
C ASP E 112 20.82 12.19 -13.88
N PRO E 113 20.15 12.45 -15.02
CA PRO E 113 20.34 11.55 -16.18
C PRO E 113 21.77 11.51 -16.66
N LYS E 114 22.49 12.63 -16.60
CA LYS E 114 23.89 12.65 -16.99
C LYS E 114 24.83 12.28 -15.85
N ASN E 115 24.31 12.14 -14.64
CA ASN E 115 25.11 11.79 -13.46
C ASN E 115 26.27 12.76 -13.28
N THR E 116 25.93 14.02 -13.02
CA THR E 116 26.96 15.03 -12.87
C THR E 116 26.47 16.16 -11.98
N LEU E 117 27.42 16.91 -11.43
CA LEU E 117 27.16 18.00 -10.49
C LEU E 117 27.81 19.27 -11.01
N PHE E 118 27.07 20.37 -11.03
CA PHE E 118 27.59 21.64 -11.50
C PHE E 118 27.57 22.67 -10.38
N LEU E 119 28.62 23.50 -10.35
CA LEU E 119 28.67 24.69 -9.50
C LEU E 119 29.06 25.86 -10.40
N GLN E 120 28.08 26.71 -10.73
CA GLN E 120 28.34 27.91 -11.50
C GLN E 120 28.68 29.06 -10.57
N MET E 121 29.85 29.64 -10.76
CA MET E 121 30.43 30.61 -9.83
C MET E 121 30.56 31.96 -10.51
N THR E 122 30.03 32.99 -9.86
CA THR E 122 30.04 34.35 -10.38
C THR E 122 30.62 35.30 -9.34
N SER E 123 31.20 36.40 -9.81
CA SER E 123 31.80 37.43 -8.96
C SER E 123 32.88 36.84 -8.07
N LEU E 124 33.88 36.26 -8.71
CA LEU E 124 34.96 35.60 -8.00
C LEU E 124 35.92 36.63 -7.42
N ARG E 125 36.28 36.47 -6.14
CA ARG E 125 37.36 37.27 -5.57
C ARG E 125 38.45 36.34 -5.05
N SER E 126 39.47 36.94 -4.43
CA SER E 126 40.63 36.19 -3.98
C SER E 126 40.33 35.33 -2.75
N GLU E 127 39.15 35.47 -2.16
CA GLU E 127 38.79 34.64 -1.02
C GLU E 127 38.29 33.26 -1.43
N ASP E 128 38.03 33.03 -2.72
CA ASP E 128 37.53 31.75 -3.19
C ASP E 128 38.62 30.87 -3.79
N THR E 129 39.87 31.29 -3.76
CA THR E 129 40.96 30.45 -4.28
C THR E 129 41.11 29.24 -3.38
N ALA E 130 40.72 28.07 -3.89
CA ALA E 130 40.65 26.89 -3.03
C ALA E 130 40.74 25.63 -3.88
N MET E 131 40.87 24.51 -3.17
CA MET E 131 40.84 23.17 -3.76
C MET E 131 39.45 22.61 -3.47
N TYR E 132 38.57 22.63 -4.47
CA TYR E 132 37.18 22.28 -4.26
C TYR E 132 36.98 20.78 -4.23
N TYR E 133 36.08 20.34 -3.36
CA TYR E 133 35.84 18.93 -3.07
C TYR E 133 34.35 18.63 -3.26
N CYS E 134 34.07 17.56 -4.01
CA CYS E 134 32.70 17.11 -4.28
C CYS E 134 32.39 15.95 -3.34
N VAL E 135 31.33 16.10 -2.53
CA VAL E 135 31.03 15.15 -1.47
C VAL E 135 29.63 14.61 -1.68
N ARG E 136 29.47 13.30 -1.52
CA ARG E 136 28.17 12.66 -1.53
C ARG E 136 27.69 12.44 -0.10
N SER E 137 26.37 12.43 0.07
CA SER E 137 25.79 12.27 1.41
C SER E 137 24.35 11.79 1.27
N ILE E 138 24.06 10.62 1.80
CA ILE E 138 22.71 10.07 1.83
C ILE E 138 22.14 10.28 3.23
N TYR E 139 20.81 10.38 3.30
CA TYR E 139 20.14 10.72 4.56
C TYR E 139 18.94 9.80 4.77
N TYR E 140 19.11 8.81 5.65
CA TYR E 140 18.00 8.05 6.20
C TYR E 140 18.45 7.56 7.58
N TYR E 141 17.58 6.80 8.25
CA TYR E 141 17.92 6.29 9.57
C TYR E 141 19.08 5.32 9.47
N GLY E 142 20.15 5.60 10.22
CA GLY E 142 21.31 4.75 10.22
C GLY E 142 22.24 4.92 9.04
N SER E 143 21.99 5.92 8.18
CA SER E 143 22.87 6.17 7.07
C SER E 143 24.15 6.86 7.55
N SER E 144 25.14 6.89 6.66
CA SER E 144 26.43 7.52 6.94
C SER E 144 26.64 8.67 5.98
N PRO E 145 26.29 9.90 6.36
CA PRO E 145 26.54 11.04 5.46
C PRO E 145 28.02 11.35 5.32
N PHE E 146 28.35 11.99 4.21
CA PHE E 146 29.73 12.37 3.88
C PHE E 146 30.63 11.14 3.74
N ASP E 147 30.21 10.17 2.94
CA ASP E 147 31.01 8.97 2.75
C ASP E 147 32.24 9.25 1.90
N PHE E 148 32.02 9.64 0.64
CA PHE E 148 33.08 9.68 -0.37
C PHE E 148 33.34 11.11 -0.79
N TRP E 149 34.59 11.53 -0.67
CA TRP E 149 35.03 12.84 -1.08
C TRP E 149 35.86 12.71 -2.35
N GLY E 150 35.54 13.53 -3.35
CA GLY E 150 36.27 13.53 -4.60
C GLY E 150 37.67 14.09 -4.44
N GLN E 151 38.46 13.94 -5.49
CA GLN E 151 39.83 14.42 -5.47
C GLN E 151 39.93 15.94 -5.53
N GLY E 152 38.91 16.63 -6.02
CA GLY E 152 38.89 18.07 -6.02
C GLY E 152 39.55 18.69 -7.23
N THR E 153 39.32 20.00 -7.40
CA THR E 153 39.93 20.78 -8.46
C THR E 153 40.55 22.03 -7.87
N THR E 154 41.73 22.40 -8.37
CA THR E 154 42.43 23.59 -7.90
C THR E 154 41.92 24.82 -8.64
N LEU E 155 41.57 25.86 -7.89
CA LEU E 155 41.08 27.10 -8.46
C LEU E 155 41.77 28.27 -7.80
N THR E 156 42.35 29.15 -8.60
CA THR E 156 43.08 30.31 -8.11
C THR E 156 42.50 31.56 -8.76
N VAL E 157 42.42 32.64 -7.99
CA VAL E 157 41.98 33.94 -8.48
C VAL E 157 43.13 34.91 -8.30
N SER E 158 43.52 35.57 -9.40
CA SER E 158 44.62 36.52 -9.35
C SER E 158 44.25 37.72 -8.47
N SER E 159 45.21 38.19 -7.69
CA SER E 159 44.98 39.32 -6.80
C SER E 159 45.07 40.65 -7.57
N SER E 174 25.54 33.46 14.02
CA SER E 174 24.58 32.54 14.60
C SER E 174 25.00 31.09 14.35
N ASP E 175 26.02 30.92 13.53
CA ASP E 175 26.52 29.59 13.23
C ASP E 175 27.28 29.00 14.41
N ILE E 176 27.32 27.67 14.47
CA ILE E 176 28.05 26.98 15.52
C ILE E 176 29.54 27.14 15.29
N VAL E 177 30.28 27.43 16.36
CA VAL E 177 31.73 27.56 16.29
C VAL E 177 32.33 26.25 16.81
N MET E 178 33.12 25.60 15.96
CA MET E 178 33.77 24.33 16.30
C MET E 178 35.26 24.58 16.40
N THR E 179 35.82 24.37 17.60
CA THR E 179 37.19 24.76 17.90
C THR E 179 37.98 23.55 18.40
N GLN E 180 39.18 23.38 17.83
CA GLN E 180 40.13 22.36 18.28
C GLN E 180 41.44 23.08 18.56
N ALA E 181 41.73 23.32 19.83
CA ALA E 181 42.91 24.08 20.23
C ALA E 181 44.20 23.26 20.14
N THR E 182 44.11 21.97 19.87
CA THR E 182 45.31 21.14 19.82
C THR E 182 46.23 21.56 18.67
N SER E 183 45.65 21.92 17.53
CA SER E 183 46.40 22.43 16.38
C SER E 183 47.39 21.40 15.85
N SER E 184 48.42 21.10 16.65
CA SER E 184 49.43 20.11 16.27
C SER E 184 49.91 19.41 17.53
N VAL E 185 49.88 18.08 17.51
CA VAL E 185 50.35 17.28 18.64
C VAL E 185 51.28 16.19 18.13
N PRO E 186 52.38 15.90 18.84
CA PRO E 186 53.29 14.85 18.38
C PRO E 186 52.66 13.47 18.55
N VAL E 187 53.11 12.54 17.70
CA VAL E 187 52.60 11.17 17.73
C VAL E 187 53.76 10.20 17.54
N THR E 188 53.63 9.04 18.18
CA THR E 188 54.59 7.96 18.03
C THR E 188 53.83 6.69 17.65
N PRO E 189 54.36 5.89 16.73
CA PRO E 189 53.64 4.66 16.34
C PRO E 189 53.50 3.70 17.51
N GLY E 190 52.34 3.04 17.56
CA GLY E 190 52.03 2.10 18.62
C GLY E 190 51.42 2.70 19.86
N GLU E 191 51.33 4.03 19.95
CA GLU E 191 50.75 4.68 21.10
C GLU E 191 49.28 5.00 20.84
N SER E 192 48.63 5.64 21.81
CA SER E 192 47.23 6.02 21.72
C SER E 192 47.12 7.53 21.83
N VAL E 193 46.29 8.14 20.98
CA VAL E 193 46.18 9.59 20.92
C VAL E 193 44.71 9.98 20.99
N SER E 194 44.44 11.10 21.65
CA SER E 194 43.10 11.64 21.75
C SER E 194 43.07 13.05 21.17
N ILE E 195 42.07 13.32 20.34
CA ILE E 195 41.89 14.61 19.68
C ILE E 195 40.56 15.18 20.12
N SER E 196 40.56 16.43 20.58
CA SER E 196 39.39 17.06 21.17
C SER E 196 38.79 18.11 20.24
N CYS E 197 37.47 18.22 20.29
CA CYS E 197 36.73 19.21 19.50
C CYS E 197 35.61 19.75 20.37
N ARG E 198 35.52 21.07 20.47
CA ARG E 198 34.53 21.74 21.32
C ARG E 198 33.49 22.42 20.44
N SER E 199 32.28 22.56 20.97
CA SER E 199 31.17 23.12 20.23
C SER E 199 30.63 24.37 20.92
N SER E 200 30.10 25.29 20.12
CA SER E 200 29.50 26.51 20.65
C SER E 200 28.17 26.21 21.33
N LYS E 201 27.37 25.33 20.76
CA LYS E 201 26.12 24.89 21.34
C LYS E 201 26.07 23.37 21.31
N SER E 202 25.14 22.82 22.10
CA SER E 202 25.05 21.37 22.22
C SER E 202 24.65 20.75 20.89
N LEU E 203 25.48 19.84 20.40
CA LEU E 203 25.21 19.12 19.17
C LEU E 203 24.23 17.97 19.37
N LEU E 204 23.88 17.64 20.60
CA LEU E 204 22.92 16.59 20.88
C LEU E 204 21.50 17.11 20.67
N HIS E 205 20.82 16.58 19.66
CA HIS E 205 19.43 16.90 19.40
C HIS E 205 18.53 16.08 20.31
N SER E 206 17.31 16.57 20.50
CA SER E 206 16.39 15.92 21.44
C SER E 206 16.10 14.47 21.07
N ASN E 207 16.27 14.11 19.80
CA ASN E 207 16.01 12.74 19.37
C ASN E 207 17.09 11.78 19.84
N GLY E 208 18.20 12.27 20.39
CA GLY E 208 19.26 11.43 20.90
C GLY E 208 20.45 11.27 19.99
N ASN E 209 20.43 11.87 18.81
CA ASN E 209 21.53 11.76 17.85
C ASN E 209 22.44 12.98 17.99
N THR E 210 23.64 12.77 18.52
CA THR E 210 24.65 13.81 18.47
C THR E 210 25.23 13.88 17.06
N TYR E 211 25.30 15.08 16.52
CA TYR E 211 25.63 15.28 15.11
C TYR E 211 27.06 15.81 15.01
N LEU E 212 28.01 14.88 14.99
CA LEU E 212 29.42 15.21 14.88
C LEU E 212 30.10 14.20 13.96
N TYR E 213 30.95 14.72 13.07
CA TYR E 213 31.61 13.91 12.06
C TYR E 213 33.11 14.16 12.12
N TRP E 214 33.88 13.08 12.16
CA TRP E 214 35.34 13.15 12.17
C TRP E 214 35.88 12.75 10.80
N PHE E 215 36.77 13.58 10.26
CA PHE E 215 37.36 13.36 8.95
C PHE E 215 38.88 13.34 9.06
N LEU E 216 39.50 12.45 8.30
CA LEU E 216 40.95 12.39 8.22
C LEU E 216 41.37 12.74 6.80
N GLN E 217 42.23 13.74 6.68
CA GLN E 217 42.82 14.14 5.41
C GLN E 217 44.30 13.79 5.46
N ARG E 218 44.68 12.75 4.71
CA ARG E 218 46.07 12.37 4.62
C ARG E 218 46.84 13.42 3.81
N PRO E 219 48.15 13.53 4.03
CA PRO E 219 48.95 14.44 3.20
C PRO E 219 48.78 14.18 1.72
N GLY E 220 48.29 15.18 0.99
CA GLY E 220 48.05 15.02 -0.43
C GLY E 220 46.99 14.01 -0.77
N GLN E 221 45.87 14.01 -0.04
CA GLN E 221 44.79 13.07 -0.25
C GLN E 221 43.46 13.74 0.04
N SER E 222 42.41 13.18 -0.54
CA SER E 222 41.07 13.65 -0.28
C SER E 222 40.63 13.27 1.14
N PRO E 223 39.81 14.10 1.78
CA PRO E 223 39.37 13.79 3.14
C PRO E 223 38.57 12.49 3.19
N GLN E 224 38.74 11.76 4.30
CA GLN E 224 38.11 10.46 4.48
C GLN E 224 37.31 10.45 5.76
N LEU E 225 36.06 9.99 5.67
CA LEU E 225 35.19 9.91 6.83
C LEU E 225 35.69 8.85 7.80
N LEU E 226 35.69 9.19 9.09
CA LEU E 226 36.08 8.27 10.15
C LEU E 226 34.93 7.92 11.07
N ILE E 227 34.32 8.91 11.70
CA ILE E 227 33.23 8.70 12.65
C ILE E 227 32.05 9.54 12.22
N TYR E 228 30.87 8.95 12.15
CA TYR E 228 29.65 9.69 11.88
C TYR E 228 28.74 9.62 13.09
N ARG E 229 28.25 10.79 13.51
CA ARG E 229 27.39 10.94 14.69
C ARG E 229 28.10 10.50 15.97
N MET E 230 29.41 10.76 16.04
CA MET E 230 30.18 10.86 17.27
C MET E 230 30.48 9.52 17.94
N SER E 231 29.91 8.42 17.44
CA SER E 231 30.28 7.11 17.96
C SER E 231 30.29 6.00 16.92
N ASN E 232 30.00 6.28 15.66
CA ASN E 232 29.72 5.24 14.69
C ASN E 232 30.86 5.18 13.68
N LEU E 233 31.47 4.01 13.54
CA LEU E 233 32.59 3.85 12.64
C LEU E 233 32.10 3.66 11.22
N ALA E 234 32.79 4.31 10.27
CA ALA E 234 32.42 4.22 8.87
C ALA E 234 32.91 2.91 8.28
N SER E 235 32.49 2.63 7.04
CA SER E 235 32.87 1.40 6.38
C SER E 235 34.33 1.44 5.96
N GLY E 236 35.04 0.35 6.20
CA GLY E 236 36.43 0.24 5.84
C GLY E 236 37.40 0.88 6.81
N VAL E 237 36.92 1.43 7.92
CA VAL E 237 37.78 2.08 8.90
C VAL E 237 38.12 1.08 10.01
N PRO E 238 39.39 0.93 10.36
CA PRO E 238 39.76 -0.04 11.39
C PRO E 238 39.17 0.32 12.74
N ASP E 239 38.95 -0.71 13.56
CA ASP E 239 38.25 -0.57 14.84
C ASP E 239 39.05 0.19 15.88
N ARG E 240 40.33 0.48 15.61
CA ARG E 240 41.13 1.22 16.59
C ARG E 240 40.58 2.62 16.83
N PHE E 241 39.87 3.18 15.87
CA PHE E 241 39.28 4.50 16.02
C PHE E 241 38.01 4.42 16.86
N SER E 242 37.87 5.36 17.79
CA SER E 242 36.68 5.42 18.62
C SER E 242 36.30 6.87 18.83
N GLY E 243 35.01 7.11 19.05
CA GLY E 243 34.53 8.45 19.29
C GLY E 243 33.65 8.55 20.52
N SER E 244 33.79 9.63 21.28
CA SER E 244 33.00 9.84 22.48
C SER E 244 32.71 11.32 22.59
N GLY E 245 31.70 11.66 23.41
CA GLY E 245 31.36 13.05 23.58
C GLY E 245 30.35 13.22 24.70
N SER E 246 30.10 14.50 25.02
CA SER E 246 29.16 14.84 26.07
C SER E 246 28.21 15.95 25.65
N GLY E 247 27.91 16.07 24.36
CA GLY E 247 26.99 17.08 23.87
C GLY E 247 27.69 18.31 23.31
N THR E 248 28.73 18.76 23.99
CA THR E 248 29.47 19.95 23.59
C THR E 248 30.93 19.65 23.27
N ALA E 249 31.62 18.93 24.14
CA ALA E 249 33.01 18.57 23.94
C ALA E 249 33.10 17.09 23.59
N PHE E 250 33.83 16.78 22.53
CA PHE E 250 33.95 15.42 22.04
C PHE E 250 35.42 15.08 21.82
N THR E 251 35.70 13.78 21.89
CA THR E 251 37.05 13.27 21.71
C THR E 251 37.03 12.12 20.71
N LEU E 252 38.13 11.98 19.99
CA LEU E 252 38.36 10.88 19.07
C LEU E 252 39.67 10.21 19.44
N THR E 253 39.63 8.91 19.66
CA THR E 253 40.76 8.16 20.20
C THR E 253 41.27 7.14 19.19
N ILE E 254 42.58 7.11 19.02
CA ILE E 254 43.26 6.13 18.17
C ILE E 254 44.12 5.27 19.08
N SER E 255 43.82 3.97 19.10
CA SER E 255 44.45 3.08 20.07
C SER E 255 45.91 2.80 19.71
N ARG E 256 46.18 2.47 18.46
CA ARG E 256 47.54 2.15 18.00
C ARG E 256 47.71 2.66 16.58
N LEU E 257 48.48 3.73 16.42
CA LEU E 257 48.65 4.35 15.12
C LEU E 257 49.81 3.74 14.35
N GLU E 258 49.71 3.82 13.02
CA GLU E 258 50.80 3.54 12.12
C GLU E 258 50.97 4.73 11.18
N ALA E 259 51.89 4.60 10.21
CA ALA E 259 52.11 5.66 9.24
C ALA E 259 50.87 5.95 8.41
N GLU E 260 49.94 5.00 8.33
CA GLU E 260 48.70 5.22 7.58
C GLU E 260 47.78 6.22 8.26
N ASP E 261 47.90 6.41 9.57
CA ASP E 261 47.01 7.28 10.33
C ASP E 261 47.50 8.73 10.38
N VAL E 262 48.67 9.02 9.81
CA VAL E 262 49.18 10.39 9.84
C VAL E 262 48.37 11.28 8.92
N GLY E 263 48.03 12.45 9.40
CA GLY E 263 47.25 13.40 8.62
C GLY E 263 46.63 14.45 9.52
N VAL E 264 45.62 15.13 8.99
CA VAL E 264 44.95 16.23 9.68
C VAL E 264 43.50 15.85 9.89
N TYR E 265 43.03 16.02 11.11
CA TYR E 265 41.69 15.59 11.51
C TYR E 265 40.78 16.78 11.69
N TYR E 266 39.56 16.68 11.16
CA TYR E 266 38.58 17.75 11.22
C TYR E 266 37.30 17.24 11.88
N CYS E 267 36.61 18.13 12.58
CA CYS E 267 35.32 17.84 13.18
C CYS E 267 34.25 18.73 12.57
N MET E 268 33.16 18.13 12.13
CA MET E 268 32.04 18.83 11.51
C MET E 268 30.80 18.68 12.37
N GLN E 269 30.01 19.75 12.44
CA GLN E 269 28.68 19.71 13.01
C GLN E 269 27.65 19.51 11.90
N HIS E 270 26.50 18.93 12.27
CA HIS E 270 25.42 18.74 11.30
C HIS E 270 24.05 19.00 11.93
N LEU E 271 23.98 19.90 12.91
CA LEU E 271 22.69 20.20 13.54
C LEU E 271 21.87 21.18 12.71
N GLU E 272 22.37 22.41 12.56
CA GLU E 272 21.76 23.39 11.69
C GLU E 272 22.47 23.34 10.35
N TYR E 273 22.13 24.26 9.46
CA TYR E 273 22.78 24.08 8.17
C TYR E 273 23.56 25.29 7.69
N PRO E 274 24.28 26.01 8.56
CA PRO E 274 25.65 26.41 8.21
C PRO E 274 26.61 25.32 8.65
N LEU E 275 27.17 24.55 7.73
CA LEU E 275 28.02 23.43 8.13
C LEU E 275 29.42 23.95 8.38
N THR E 276 29.87 23.86 9.63
CA THR E 276 31.13 24.45 10.05
C THR E 276 32.09 23.37 10.52
N PHE E 277 33.34 23.49 10.09
CA PHE E 277 34.39 22.55 10.46
C PHE E 277 35.22 23.15 11.58
N GLY E 278 36.06 22.31 12.17
CA GLY E 278 37.04 22.78 13.11
C GLY E 278 38.29 23.30 12.41
N ALA E 279 39.19 23.86 13.21
CA ALA E 279 40.46 24.31 12.65
C ALA E 279 41.30 23.14 12.17
N GLY E 280 41.10 21.96 12.76
CA GLY E 280 41.85 20.78 12.38
C GLY E 280 43.04 20.53 13.28
N THR E 281 43.42 19.26 13.42
CA THR E 281 44.56 18.89 14.26
C THR E 281 45.48 17.99 13.44
N LYS E 282 46.74 18.37 13.33
CA LYS E 282 47.69 17.65 12.52
C LYS E 282 48.50 16.68 13.38
N LEU E 283 48.77 15.49 12.85
CA LEU E 283 49.61 14.50 13.51
C LEU E 283 50.94 14.41 12.79
N GLU E 284 52.03 14.45 13.55
CA GLU E 284 53.38 14.32 13.01
C GLU E 284 54.14 13.29 13.82
N LEU E 285 54.77 12.34 13.12
CA LEU E 285 55.53 11.29 13.79
C LEU E 285 56.95 11.74 14.07
O1 OS9 F . -32.03 36.46 -1.23
C1 OS9 F . -32.17 37.79 -0.72
C5 OS9 F . -29.69 35.75 -4.56
C6 OS9 F . -30.42 34.73 -3.94
C4 OS9 F . -29.74 37.02 -4.06
C3 OS9 F . -30.52 37.30 -2.94
O3 OS9 F . -33.12 37.63 -8.06
C2 OS9 F . -31.24 36.29 -2.32
O2 OS9 F . -31.91 34.01 -2.20
C10 OS9 F . -34.68 31.90 -3.35
C11 OS9 F . -35.29 32.77 -4.23
C12 OS9 F . -34.79 34.04 -4.46
C13 OS9 F . -33.67 34.43 -3.74
C14 OS9 F . -35.47 34.99 -5.41
C15 OS9 F . -35.72 35.86 -7.62
C16 OS9 F . -35.42 35.67 -9.09
C17 OS9 F . -33.90 35.66 -9.33
C18 OS9 F . -33.23 34.64 -8.40
C19 OS9 F . -33.64 34.88 -6.96
C20 OS9 F . -33.33 37.07 -9.13
C21 OS9 F . -33.47 36.69 -11.44
C22 OS9 F . -34.08 34.25 -11.41
C23 OS9 F . -35.29 34.52 -12.29
C24 OS9 F . -36.10 33.27 -12.53
C25 OS9 F . -36.50 32.47 -11.46
C26 OS9 F . -37.25 31.33 -11.68
C27 OS9 F . -37.59 30.97 -12.96
C28 OS9 F . -37.19 31.73 -14.02
C29 OS9 F . -36.45 32.88 -13.80
C7 OS9 F . -31.18 35.00 -2.83
C8 OS9 F . -33.04 33.56 -2.89
C9 OS9 F . -33.55 32.30 -2.66
N1 OS9 F . -35.09 34.80 -6.82
N2 OS9 F . -33.12 37.60 -10.33
N3 OS9 F . -33.52 35.41 -10.72
#